data_4RXD
#
_entry.id   4RXD
#
_cell.length_a   156.340
_cell.length_b   90.305
_cell.length_c   88.709
_cell.angle_alpha   90.000
_cell.angle_beta   89.910
_cell.angle_gamma   90.000
#
_symmetry.space_group_name_H-M   'C 1 2 1'
#
loop_
_entity.id
_entity.type
_entity.pdbx_description
1 polymer 'Farnesyl pyrophosphate synthase'
2 non-polymer 'MAGNESIUM ION'
3 non-polymer '1-HYDROXY-2-(3-PYRIDINYL)ETHYLIDENE BIS-PHOSPHONIC ACID'
4 water water
#
_entity_poly.entity_id   1
_entity_poly.type   'polypeptide(L)'
_entity_poly.pdbx_seq_one_letter_code
;MGSSHHHHHHSSGLVPRGSHMASMPMQMFMQVYDEIQMFLLEELELKFDMDPNRVRYLRKMMDTTCLGGKYNRGLTVIDV
AESLLSLSPNNNGEEDDGARRKRVLHDACVCGWMIEFLQAHYLVEDDIMDNSVTRRGKPCWYRHPDVTVQCAINDGLLLK
SWTHMMAMHFFADRPFLQDLLCRFNRVDYTTAVGQLYDVTSMFDSNKLDPDVSQPTTTDFAEFTLSNYKRIVKYKTAYYT
YLLPLVMGLIVSEALPTVDMGVTEELAMLMGEYFQVQDDVMDCFTPPERLGKVGTDIQDAKCSWLAVTFLAKASSAQVAE
FKANYGSGDSEKVATVRRLYEEADLQGDYVAYEAAVAEQVKELIEKLRLCSPGFAASVETLWGKTYKRQK
;
_entity_poly.pdbx_strand_id   A,B,C
#
# COMPACT_ATOMS: atom_id res chain seq x y z
N MET A 26 -28.73 22.75 30.53
CA MET A 26 -28.46 21.33 30.91
C MET A 26 -29.58 20.38 30.50
N GLN A 27 -30.83 20.80 30.65
CA GLN A 27 -31.99 19.93 30.39
C GLN A 27 -32.01 19.34 28.97
N MET A 28 -31.91 20.18 27.94
CA MET A 28 -31.96 19.67 26.58
C MET A 28 -30.69 18.88 26.23
N PHE A 29 -29.55 19.31 26.77
CA PHE A 29 -28.27 18.63 26.56
C PHE A 29 -28.34 17.21 27.08
N MET A 30 -28.93 17.04 28.27
CA MET A 30 -29.07 15.72 28.87
C MET A 30 -30.08 14.82 28.16
N GLN A 31 -31.10 15.41 27.55
CA GLN A 31 -32.02 14.57 26.80
C GLN A 31 -31.46 14.14 25.45
N VAL A 32 -30.61 14.98 24.85
CA VAL A 32 -29.91 14.56 23.62
C VAL A 32 -28.94 13.41 23.95
N TYR A 33 -28.32 13.45 25.12
CA TYR A 33 -27.49 12.32 25.57
C TYR A 33 -28.28 11.00 25.53
N ASP A 34 -29.49 11.02 26.10
CA ASP A 34 -30.34 9.81 26.11
C ASP A 34 -30.61 9.30 24.71
N GLU A 35 -30.87 10.25 23.81
CA GLU A 35 -31.14 9.95 22.41
C GLU A 35 -29.91 9.34 21.75
N ILE A 36 -28.75 9.92 22.02
CA ILE A 36 -27.49 9.39 21.48
C ILE A 36 -27.25 7.98 22.01
N GLN A 37 -27.36 7.83 23.33
CA GLN A 37 -27.13 6.53 23.95
C GLN A 37 -28.11 5.48 23.44
N MET A 38 -29.37 5.87 23.25
CA MET A 38 -30.35 4.90 22.76
C MET A 38 -30.00 4.43 21.35
N PHE A 39 -29.66 5.38 20.48
CA PHE A 39 -29.26 5.02 19.12
C PHE A 39 -28.09 4.04 19.13
N LEU A 40 -27.06 4.36 19.90
CA LEU A 40 -25.81 3.60 19.87
C LEU A 40 -26.00 2.19 20.39
N LEU A 41 -26.61 2.07 21.57
CA LEU A 41 -26.79 0.78 22.22
C LEU A 41 -27.78 -0.13 21.50
N GLU A 42 -28.85 0.46 20.96
CA GLU A 42 -29.85 -0.28 20.20
C GLU A 42 -29.25 -0.86 18.91
N GLU A 43 -28.33 -0.13 18.30
CA GLU A 43 -27.64 -0.60 17.10
C GLU A 43 -26.80 -1.85 17.38
N LEU A 44 -26.03 -1.82 18.47
CA LEU A 44 -25.10 -2.89 18.82
C LEU A 44 -25.80 -4.25 18.93
N GLU A 45 -26.97 -4.24 19.55
CA GLU A 45 -27.82 -5.42 19.62
C GLU A 45 -28.25 -5.84 18.22
N LEU A 46 -28.85 -4.91 17.48
CA LEU A 46 -29.43 -5.20 16.17
C LEU A 46 -28.40 -5.55 15.09
N LYS A 47 -27.19 -5.00 15.18
CA LYS A 47 -26.23 -4.98 14.06
C LYS A 47 -24.85 -5.59 14.32
N PHE A 48 -24.49 -5.71 15.60
CA PHE A 48 -23.19 -6.22 15.99
C PHE A 48 -23.28 -7.51 16.78
N ASP A 49 -24.48 -8.10 16.79
CA ASP A 49 -24.73 -9.38 17.45
C ASP A 49 -24.31 -9.36 18.92
N MET A 50 -24.47 -8.20 19.56
CA MET A 50 -23.99 -8.03 20.92
C MET A 50 -24.99 -8.56 21.94
N ASP A 51 -24.47 -9.30 22.92
CA ASP A 51 -25.26 -9.85 24.02
C ASP A 51 -25.60 -8.80 25.06
N PRO A 52 -26.73 -8.97 25.78
CA PRO A 52 -27.17 -8.00 26.78
C PRO A 52 -26.11 -7.64 27.82
N ASN A 53 -25.23 -8.57 28.16
CA ASN A 53 -24.16 -8.35 29.14
C ASN A 53 -23.15 -7.28 28.69
N ARG A 54 -22.72 -7.40 27.44
CA ARG A 54 -21.77 -6.43 26.87
C ARG A 54 -22.43 -5.10 26.54
N VAL A 55 -23.72 -5.13 26.15
CA VAL A 55 -24.48 -3.90 25.98
C VAL A 55 -24.53 -3.15 27.33
N ARG A 56 -24.80 -3.88 28.40
CA ARG A 56 -24.78 -3.32 29.76
C ARG A 56 -23.39 -2.79 30.10
N TYR A 57 -22.36 -3.54 29.77
CA TYR A 57 -20.99 -3.09 30.03
C TYR A 57 -20.71 -1.75 29.34
N LEU A 58 -21.09 -1.64 28.06
CA LEU A 58 -20.84 -0.42 27.30
C LEU A 58 -21.71 0.75 27.75
N ARG A 59 -22.93 0.45 28.18
CA ARG A 59 -23.78 1.51 28.74
C ARG A 59 -23.08 2.10 29.96
N LYS A 60 -22.58 1.24 30.85
CA LYS A 60 -21.86 1.71 32.04
C LYS A 60 -20.56 2.46 31.69
N MET A 61 -19.83 1.93 30.71
CA MET A 61 -18.60 2.57 30.18
C MET A 61 -18.88 3.99 29.70
N MET A 62 -19.88 4.13 28.82
CA MET A 62 -20.32 5.43 28.33
C MET A 62 -20.67 6.37 29.49
N ASP A 63 -21.52 5.91 30.42
CA ASP A 63 -21.99 6.75 31.51
C ASP A 63 -20.83 7.19 32.40
N THR A 64 -19.96 6.25 32.72
CA THR A 64 -18.85 6.53 33.62
C THR A 64 -17.83 7.49 33.01
N THR A 65 -17.57 7.36 31.71
CA THR A 65 -16.55 8.18 31.05
C THR A 65 -17.05 9.52 30.49
N CYS A 66 -18.32 9.58 30.10
CA CYS A 66 -18.88 10.79 29.48
C CYS A 66 -19.67 11.71 30.43
N LEU A 67 -20.15 11.14 31.55
CA LEU A 67 -20.95 11.90 32.49
C LEU A 67 -20.19 12.25 33.77
N GLY A 68 -20.59 13.34 34.41
CA GLY A 68 -20.06 13.70 35.72
C GLY A 68 -19.17 14.93 35.75
N GLY A 69 -18.74 15.38 34.58
CA GLY A 69 -17.96 16.62 34.49
C GLY A 69 -18.92 17.78 34.45
N LYS A 70 -18.44 18.95 34.06
CA LYS A 70 -19.30 20.12 34.04
C LYS A 70 -19.87 20.47 32.66
N TYR A 71 -19.43 19.71 31.65
CA TYR A 71 -19.94 19.85 30.28
C TYR A 71 -19.70 21.23 29.71
N ASN A 72 -18.62 21.87 30.12
CA ASN A 72 -18.36 23.22 29.63
C ASN A 72 -18.11 23.34 28.14
N ARG A 73 -17.40 22.37 27.56
CA ARG A 73 -17.24 22.40 26.11
C ARG A 73 -18.55 22.11 25.41
N GLY A 74 -19.28 21.10 25.85
CA GLY A 74 -20.59 20.78 25.28
C GLY A 74 -21.52 21.98 25.36
N LEU A 75 -21.65 22.54 26.57
CA LEU A 75 -22.54 23.69 26.82
C LEU A 75 -22.13 24.94 26.06
N THR A 76 -20.83 25.11 25.81
CA THR A 76 -20.34 26.22 24.99
C THR A 76 -20.87 26.16 23.54
N VAL A 77 -20.90 24.96 22.97
CA VAL A 77 -21.39 24.78 21.60
C VAL A 77 -22.83 25.30 21.49
N ILE A 78 -23.65 24.91 22.45
CA ILE A 78 -25.04 25.37 22.53
C ILE A 78 -25.11 26.90 22.66
N ASP A 79 -24.32 27.45 23.57
CA ASP A 79 -24.35 28.89 23.80
C ASP A 79 -23.97 29.68 22.55
N VAL A 80 -22.94 29.22 21.85
CA VAL A 80 -22.45 29.86 20.62
C VAL A 80 -23.48 29.78 19.46
N ALA A 81 -24.02 28.59 19.24
CA ALA A 81 -25.02 28.36 18.19
C ALA A 81 -26.26 29.24 18.39
N GLU A 82 -26.81 29.17 19.60
CA GLU A 82 -28.00 29.93 19.97
C GLU A 82 -27.73 31.44 19.87
N SER A 83 -26.56 31.89 20.34
CA SER A 83 -26.27 33.31 20.29
C SER A 83 -25.99 33.87 18.88
N LEU A 84 -25.71 33.01 17.92
CA LEU A 84 -25.42 33.47 16.56
C LEU A 84 -26.59 33.39 15.59
N LEU A 85 -27.71 32.85 16.04
CA LEU A 85 -28.95 32.98 15.28
C LEU A 85 -29.69 34.27 15.67
N SER A 86 -29.29 34.86 16.81
CA SER A 86 -29.87 36.11 17.31
C SER A 86 -29.42 37.31 16.48
N ASP A 97 -37.27 32.25 12.91
CA ASP A 97 -37.92 30.91 12.79
C ASP A 97 -37.72 30.06 14.05
N GLY A 98 -38.85 29.66 14.65
CA GLY A 98 -38.85 28.78 15.81
C GLY A 98 -38.47 27.34 15.48
N ALA A 99 -38.78 26.91 14.27
CA ALA A 99 -38.47 25.56 13.81
C ALA A 99 -36.96 25.40 13.61
N ARG A 100 -36.35 26.41 12.98
CA ARG A 100 -34.92 26.46 12.74
C ARG A 100 -34.14 26.57 14.04
N ARG A 101 -34.70 27.29 15.01
CA ARG A 101 -34.08 27.39 16.34
C ARG A 101 -34.03 26.01 16.99
N LYS A 102 -35.13 25.28 16.90
CA LYS A 102 -35.20 23.90 17.40
C LYS A 102 -34.10 23.04 16.78
N ARG A 103 -33.96 23.15 15.46
CA ARG A 103 -32.97 22.38 14.70
C ARG A 103 -31.53 22.73 15.07
N VAL A 104 -31.19 24.02 15.05
CA VAL A 104 -29.83 24.48 15.34
C VAL A 104 -29.42 24.02 16.73
N LEU A 105 -30.33 24.20 17.69
CA LEU A 105 -30.13 23.79 19.07
C LEU A 105 -29.93 22.28 19.22
N HIS A 106 -30.69 21.49 18.46
CA HIS A 106 -30.50 20.06 18.52
C HIS A 106 -29.14 19.66 17.92
N ASP A 107 -28.80 20.27 16.79
CA ASP A 107 -27.49 20.07 16.17
C ASP A 107 -26.34 20.45 17.13
N ALA A 108 -26.47 21.60 17.79
CA ALA A 108 -25.49 22.06 18.77
C ALA A 108 -25.30 21.05 19.91
N CYS A 109 -26.40 20.50 20.41
CA CYS A 109 -26.32 19.46 21.45
C CYS A 109 -25.55 18.23 20.99
N VAL A 110 -25.75 17.82 19.74
CA VAL A 110 -25.08 16.64 19.20
C VAL A 110 -23.58 16.92 19.08
N CYS A 111 -23.24 18.08 18.53
CA CYS A 111 -21.85 18.56 18.43
C CYS A 111 -21.17 18.64 19.80
N GLY A 112 -21.91 19.19 20.76
CA GLY A 112 -21.46 19.23 22.14
C GLY A 112 -21.10 17.86 22.68
N TRP A 113 -21.99 16.88 22.50
CA TRP A 113 -21.68 15.50 22.90
C TRP A 113 -20.52 14.89 22.10
N MET A 114 -20.42 15.21 20.81
CA MET A 114 -19.22 14.79 20.07
C MET A 114 -17.94 15.20 20.79
N ILE A 115 -17.87 16.45 21.23
CA ILE A 115 -16.67 16.96 21.93
C ILE A 115 -16.53 16.31 23.30
N GLU A 116 -17.63 16.15 24.01
CA GLU A 116 -17.59 15.47 25.30
C GLU A 116 -17.12 14.02 25.18
N PHE A 117 -17.57 13.31 24.15
CA PHE A 117 -17.13 11.94 23.90
C PHE A 117 -15.65 11.92 23.48
N LEU A 118 -15.24 12.88 22.65
CA LEU A 118 -13.83 12.99 22.25
C LEU A 118 -12.97 13.22 23.48
N GLN A 119 -13.40 14.13 24.34
CA GLN A 119 -12.72 14.28 25.61
C GLN A 119 -12.69 12.99 26.42
N ALA A 120 -13.84 12.33 26.55
CA ALA A 120 -13.92 11.07 27.30
C ALA A 120 -12.90 10.09 26.78
N HIS A 121 -12.82 9.98 25.45
CA HIS A 121 -11.81 9.17 24.78
C HIS A 121 -10.39 9.57 25.25
N TYR A 122 -10.04 10.84 25.13
CA TYR A 122 -8.71 11.28 25.56
C TYR A 122 -8.42 11.03 27.04
N LEU A 123 -9.41 11.26 27.89
CA LEU A 123 -9.21 11.02 29.34
C LEU A 123 -9.03 9.56 29.73
N VAL A 124 -9.71 8.64 29.05
CA VAL A 124 -9.49 7.20 29.30
C VAL A 124 -8.03 6.81 28.99
N GLU A 125 -7.56 7.22 27.81
CA GLU A 125 -6.18 6.91 27.38
C GLU A 125 -5.15 7.66 28.22
N ASP A 126 -5.42 8.93 28.51
CA ASP A 126 -4.52 9.77 29.30
C ASP A 126 -4.32 9.20 30.71
N ASP A 127 -5.40 8.71 31.32
CA ASP A 127 -5.30 8.17 32.68
C ASP A 127 -4.37 6.97 32.72
N ILE A 128 -4.45 6.10 31.72
CA ILE A 128 -3.53 4.95 31.55
C ILE A 128 -2.09 5.46 31.33
N MET A 129 -1.95 6.42 30.41
CA MET A 129 -0.63 7.00 30.09
C MET A 129 0.02 7.69 31.28
N ASP A 130 -0.80 8.37 32.08
CA ASP A 130 -0.32 9.12 33.24
C ASP A 130 -0.34 8.34 34.56
N ASN A 131 -0.78 7.08 34.51
CA ASN A 131 -0.84 6.22 35.69
C ASN A 131 -1.65 6.84 36.82
N SER A 132 -2.79 7.41 36.45
CA SER A 132 -3.61 8.10 37.39
C SER A 132 -4.47 7.10 38.15
N VAL A 133 -5.00 7.53 39.29
CA VAL A 133 -5.71 6.67 40.23
C VAL A 133 -7.19 6.98 40.16
N THR A 134 -7.51 8.26 40.26
CA THR A 134 -8.88 8.72 40.39
C THR A 134 -9.23 9.77 39.32
N ARG A 135 -10.51 9.84 38.97
CA ARG A 135 -11.06 10.94 38.17
C ARG A 135 -12.50 11.22 38.59
N ARG A 136 -12.82 12.49 38.79
CA ARG A 136 -14.15 12.94 39.23
C ARG A 136 -14.66 12.16 40.46
N GLY A 137 -13.76 11.91 41.41
CA GLY A 137 -14.11 11.24 42.65
C GLY A 137 -14.33 9.76 42.55
N LYS A 138 -14.20 9.21 41.33
CA LYS A 138 -14.34 7.76 41.06
C LYS A 138 -12.99 7.20 40.58
N PRO A 139 -12.81 5.86 40.61
CA PRO A 139 -11.60 5.32 40.00
C PRO A 139 -11.54 5.66 38.52
N CYS A 140 -10.32 5.86 38.01
CA CYS A 140 -10.12 5.99 36.57
C CYS A 140 -10.76 4.77 35.93
N TRP A 141 -11.16 4.88 34.66
CA TRP A 141 -11.80 3.76 33.99
C TRP A 141 -10.93 2.50 34.06
N TYR A 142 -9.65 2.64 33.75
CA TYR A 142 -8.76 1.49 33.72
C TYR A 142 -8.47 0.94 35.12
N ARG A 143 -8.81 1.73 36.15
CA ARG A 143 -8.64 1.33 37.55
C ARG A 143 -9.91 0.71 38.18
N HIS A 144 -11.00 0.60 37.41
CA HIS A 144 -12.18 -0.07 37.94
C HIS A 144 -11.89 -1.54 38.17
N PRO A 145 -12.44 -2.12 39.25
CA PRO A 145 -12.02 -3.48 39.59
C PRO A 145 -12.29 -4.47 38.46
N ASP A 146 -13.39 -4.32 37.72
CA ASP A 146 -13.67 -5.28 36.65
C ASP A 146 -13.33 -4.83 35.23
N VAL A 147 -12.50 -3.80 35.13
CA VAL A 147 -11.98 -3.36 33.83
C VAL A 147 -10.51 -3.77 33.75
N THR A 148 -10.12 -4.49 32.71
CA THR A 148 -8.69 -4.77 32.49
C THR A 148 -8.06 -3.58 31.75
N VAL A 149 -6.75 -3.39 31.90
CA VAL A 149 -6.11 -2.28 31.20
C VAL A 149 -6.23 -2.46 29.69
N GLN A 150 -6.09 -3.70 29.23
CA GLN A 150 -6.20 -3.97 27.79
C GLN A 150 -7.61 -3.67 27.26
N CYS A 151 -8.65 -4.01 28.03
CA CYS A 151 -10.00 -3.58 27.68
C CYS A 151 -10.19 -2.06 27.68
N ALA A 152 -9.65 -1.40 28.70
CA ALA A 152 -9.76 0.05 28.83
C ALA A 152 -9.16 0.80 27.62
N ILE A 153 -7.99 0.37 27.16
CA ILE A 153 -7.40 0.95 25.95
C ILE A 153 -8.43 0.88 24.82
N ASN A 154 -9.00 -0.30 24.60
CA ASN A 154 -9.95 -0.46 23.54
C ASN A 154 -11.26 0.31 23.77
N ASP A 155 -11.74 0.34 25.03
CA ASP A 155 -12.89 1.18 25.40
C ASP A 155 -12.70 2.65 25.00
N GLY A 156 -11.51 3.19 25.28
CA GLY A 156 -11.15 4.52 24.81
C GLY A 156 -11.36 4.69 23.30
N LEU A 157 -10.98 3.66 22.53
CA LEU A 157 -11.15 3.70 21.07
C LEU A 157 -12.62 3.71 20.69
N LEU A 158 -13.40 2.92 21.41
CA LEU A 158 -14.85 2.85 21.17
C LEU A 158 -15.47 4.22 21.34
N LEU A 159 -15.06 4.95 22.39
CA LEU A 159 -15.55 6.30 22.63
C LEU A 159 -15.33 7.28 21.46
N LYS A 160 -14.15 7.21 20.86
CA LYS A 160 -13.83 8.05 19.70
C LYS A 160 -14.68 7.66 18.49
N SER A 161 -14.80 6.37 18.24
CA SER A 161 -15.69 5.82 17.20
C SER A 161 -17.13 6.31 17.32
N TRP A 162 -17.63 6.37 18.54
CA TRP A 162 -18.97 6.90 18.78
C TRP A 162 -19.16 8.36 18.32
N THR A 163 -18.11 9.19 18.35
CA THR A 163 -18.24 10.56 17.84
C THR A 163 -18.60 10.55 16.36
N HIS A 164 -17.97 9.65 15.60
CA HIS A 164 -18.25 9.52 14.17
C HIS A 164 -19.60 8.90 13.90
N MET A 165 -19.96 7.91 14.71
CA MET A 165 -21.25 7.27 14.59
C MET A 165 -22.42 8.23 14.85
N MET A 166 -22.31 9.07 15.88
CA MET A 166 -23.37 10.03 16.18
C MET A 166 -23.47 11.13 15.12
N ALA A 167 -22.30 11.56 14.64
CA ALA A 167 -22.24 12.57 13.60
C ALA A 167 -23.03 12.12 12.38
N MET A 168 -22.77 10.90 11.92
CA MET A 168 -23.40 10.35 10.73
C MET A 168 -24.90 10.12 10.93
N HIS A 169 -25.29 9.66 12.12
CA HIS A 169 -26.69 9.42 12.41
C HIS A 169 -27.52 10.70 12.34
N PHE A 170 -26.99 11.77 12.92
CA PHE A 170 -27.72 13.03 13.01
C PHE A 170 -27.50 13.97 11.81
N PHE A 171 -26.32 13.92 11.20
CA PHE A 171 -25.93 14.96 10.22
C PHE A 171 -25.74 14.48 8.78
N ALA A 172 -26.14 13.25 8.46
CA ALA A 172 -25.93 12.70 7.11
C ALA A 172 -26.43 13.64 6.01
N ASP A 173 -27.49 14.37 6.31
CA ASP A 173 -28.15 15.22 5.32
C ASP A 173 -27.81 16.70 5.44
N ARG A 174 -26.88 17.04 6.32
CA ARG A 174 -26.52 18.44 6.54
C ARG A 174 -25.38 18.87 5.62
N PRO A 175 -25.53 20.02 4.93
CA PRO A 175 -24.49 20.50 4.00
C PRO A 175 -23.18 20.85 4.70
N PHE A 176 -23.27 21.14 6.00
CA PHE A 176 -22.07 21.43 6.79
C PHE A 176 -21.29 20.20 7.27
N LEU A 177 -21.74 18.99 6.92
CA LEU A 177 -21.09 17.78 7.46
C LEU A 177 -19.59 17.69 7.18
N GLN A 178 -19.19 17.90 5.92
CA GLN A 178 -17.78 17.79 5.56
C GLN A 178 -16.90 18.78 6.30
N ASP A 179 -17.33 20.04 6.36
CA ASP A 179 -16.57 21.07 7.04
C ASP A 179 -16.48 20.80 8.55
N LEU A 180 -17.60 20.38 9.13
CA LEU A 180 -17.68 20.04 10.55
C LEU A 180 -16.66 18.96 10.92
N LEU A 181 -16.71 17.85 10.20
CA LEU A 181 -15.84 16.71 10.46
C LEU A 181 -14.39 16.99 10.12
N CYS A 182 -14.17 17.74 9.03
CA CYS A 182 -12.82 18.20 8.68
C CYS A 182 -12.16 18.90 9.86
N ARG A 183 -12.85 19.89 10.45
CA ARG A 183 -12.33 20.62 11.60
C ARG A 183 -12.25 19.78 12.88
N PHE A 184 -13.30 19.00 13.16
CA PHE A 184 -13.33 18.10 14.31
C PHE A 184 -12.14 17.12 14.26
N ASN A 185 -11.91 16.52 13.09
CA ASN A 185 -10.80 15.57 12.91
C ASN A 185 -9.43 16.22 13.04
N ARG A 186 -9.29 17.42 12.50
CA ARG A 186 -8.05 18.18 12.65
C ARG A 186 -7.74 18.51 14.12
N VAL A 187 -8.77 18.86 14.90
CA VAL A 187 -8.57 19.12 16.33
C VAL A 187 -8.24 17.83 17.11
N ASP A 188 -8.90 16.73 16.75
CA ASP A 188 -8.55 15.41 17.28
C ASP A 188 -7.05 15.18 17.03
N TYR A 189 -6.65 15.30 15.78
CA TYR A 189 -5.21 15.19 15.40
C TYR A 189 -4.33 16.11 16.25
N THR A 190 -4.66 17.40 16.34
CA THR A 190 -3.83 18.34 17.10
C THR A 190 -3.67 17.91 18.54
N THR A 191 -4.76 17.38 19.12
CA THR A 191 -4.73 16.90 20.51
C THR A 191 -3.71 15.76 20.68
N ALA A 192 -3.73 14.80 19.75
CA ALA A 192 -2.80 13.65 19.79
C ALA A 192 -1.35 14.12 19.63
N VAL A 193 -1.17 15.17 18.85
CA VAL A 193 0.19 15.74 18.66
C VAL A 193 0.62 16.39 19.98
N GLY A 194 -0.33 17.07 20.62
CA GLY A 194 -0.12 17.67 21.93
C GLY A 194 0.24 16.65 22.99
N GLN A 195 -0.47 15.52 22.96
CA GLN A 195 -0.18 14.42 23.89
C GLN A 195 1.23 13.83 23.71
N LEU A 196 1.70 13.80 22.46
CA LEU A 196 3.08 13.40 22.18
C LEU A 196 4.07 14.37 22.85
N TYR A 197 3.82 15.67 22.68
CA TYR A 197 4.63 16.69 23.35
C TYR A 197 4.66 16.47 24.86
N ASP A 198 3.50 16.14 25.42
CA ASP A 198 3.34 15.99 26.86
C ASP A 198 4.17 14.81 27.37
N VAL A 199 4.10 13.73 26.62
CA VAL A 199 4.62 12.47 27.05
C VAL A 199 6.14 12.33 26.78
N THR A 200 6.65 13.16 25.87
CA THR A 200 8.08 13.14 25.54
C THR A 200 8.86 14.32 26.15
N SER A 201 8.25 15.02 27.08
CA SER A 201 8.77 16.31 27.53
C SER A 201 9.87 16.23 28.59
N MET A 202 9.97 15.08 29.26
CA MET A 202 11.01 14.86 30.29
C MET A 202 12.23 14.21 29.70
N PHE A 203 12.21 14.01 28.38
CA PHE A 203 13.31 13.36 27.72
C PHE A 203 14.05 14.35 26.83
N ASP A 204 15.37 14.36 26.98
CA ASP A 204 16.25 15.13 26.11
C ASP A 204 15.82 14.82 24.68
N SER A 205 15.31 15.81 23.96
CA SER A 205 14.74 15.59 22.63
C SER A 205 15.82 15.22 21.60
N ASN A 206 17.05 15.67 21.87
CA ASN A 206 18.22 15.23 21.12
C ASN A 206 18.44 13.73 21.19
N LYS A 207 18.05 13.13 22.31
CA LYS A 207 18.30 11.71 22.59
C LYS A 207 17.08 10.82 22.28
N LEU A 208 16.17 11.36 21.47
CA LEU A 208 14.95 10.68 21.09
C LEU A 208 15.23 9.82 19.86
N ASP A 209 15.12 8.50 20.02
CA ASP A 209 15.40 7.54 18.96
C ASP A 209 14.72 6.24 19.35
N PRO A 210 13.74 5.76 18.56
CA PRO A 210 12.97 4.56 18.91
C PRO A 210 13.85 3.34 19.19
N ASP A 211 14.98 3.27 18.52
CA ASP A 211 15.84 2.09 18.61
C ASP A 211 16.92 2.19 19.69
N VAL A 212 16.73 3.04 20.72
CA VAL A 212 17.81 3.31 21.73
C VAL A 212 17.49 3.15 23.23
N SER A 213 16.79 4.13 23.84
CA SER A 213 16.40 4.19 25.29
C SER A 213 17.17 5.23 26.12
N GLN A 214 16.50 5.80 27.13
CA GLN A 214 17.03 6.92 27.96
C GLN A 214 16.15 7.22 29.21
N PRO A 215 16.78 7.54 30.35
CA PRO A 215 15.96 7.81 31.55
C PRO A 215 15.37 9.24 31.60
N THR A 216 14.63 9.55 32.67
CA THR A 216 14.13 10.91 32.94
C THR A 216 15.30 11.90 32.94
N THR A 217 15.04 13.10 32.42
CA THR A 217 16.03 14.17 32.31
C THR A 217 16.71 14.40 33.65
N THR A 218 17.97 14.80 33.61
CA THR A 218 18.73 15.05 34.84
C THR A 218 19.01 16.54 35.04
N ASP A 219 19.09 17.28 33.94
CA ASP A 219 19.32 18.72 34.01
C ASP A 219 18.03 19.54 33.86
N PHE A 220 16.98 18.90 33.34
CA PHE A 220 15.67 19.53 33.14
C PHE A 220 15.75 20.78 32.26
N ALA A 221 16.69 20.77 31.32
CA ALA A 221 16.95 21.92 30.45
C ALA A 221 15.84 22.19 29.44
N GLU A 222 15.03 21.17 29.16
CA GLU A 222 13.88 21.27 28.25
C GLU A 222 12.63 21.81 28.94
N PHE A 223 12.71 21.92 30.27
CA PHE A 223 11.61 22.45 31.07
C PHE A 223 11.60 23.97 30.97
N THR A 224 11.39 24.45 29.75
CA THR A 224 11.37 25.87 29.47
C THR A 224 9.93 26.31 29.25
N LEU A 225 9.65 27.57 29.50
CA LEU A 225 8.33 28.14 29.26
C LEU A 225 7.93 28.03 27.79
N SER A 226 8.92 28.15 26.91
CA SER A 226 8.70 27.99 25.48
C SER A 226 8.13 26.60 25.16
N ASN A 227 8.76 25.57 25.73
CA ASN A 227 8.34 24.20 25.48
C ASN A 227 6.99 23.92 26.15
N TYR A 228 6.76 24.52 27.31
CA TYR A 228 5.50 24.35 28.02
C TYR A 228 4.32 24.87 27.17
N LYS A 229 4.52 26.05 26.58
CA LYS A 229 3.46 26.73 25.85
C LYS A 229 3.02 25.94 24.63
N ARG A 230 3.99 25.30 23.97
CA ARG A 230 3.70 24.39 22.86
C ARG A 230 2.91 23.15 23.29
N ILE A 231 3.35 22.51 24.37
CA ILE A 231 2.64 21.36 24.88
C ILE A 231 1.15 21.68 25.04
N VAL A 232 0.87 22.75 25.78
CA VAL A 232 -0.47 23.05 26.27
C VAL A 232 -1.41 23.56 25.17
N LYS A 233 -0.86 24.38 24.26
CA LYS A 233 -1.57 24.83 23.08
C LYS A 233 -2.19 23.65 22.31
N TYR A 234 -1.36 22.64 22.07
CA TYR A 234 -1.78 21.50 21.24
C TYR A 234 -2.58 20.43 22.03
N LYS A 235 -2.12 20.06 23.23
CA LYS A 235 -2.83 19.03 24.00
C LYS A 235 -4.18 19.50 24.56
N THR A 236 -4.31 20.80 24.80
CA THR A 236 -5.51 21.28 25.50
C THR A 236 -6.32 22.39 24.81
N ALA A 237 -5.63 23.47 24.38
CA ALA A 237 -6.32 24.67 23.90
C ALA A 237 -7.23 24.45 22.71
N TYR A 238 -6.79 23.63 21.75
CA TYR A 238 -7.58 23.43 20.53
C TYR A 238 -8.91 22.72 20.83
N TYR A 239 -8.88 21.64 21.60
CA TYR A 239 -10.15 20.90 21.77
C TYR A 239 -11.04 21.48 22.86
N THR A 240 -10.43 22.18 23.80
CA THR A 240 -11.18 22.71 24.94
C THR A 240 -11.82 24.07 24.63
N TYR A 241 -11.11 24.88 23.85
CA TYR A 241 -11.52 26.26 23.57
C TYR A 241 -11.85 26.55 22.12
N LEU A 242 -11.00 26.14 21.20
CA LEU A 242 -11.26 26.46 19.79
C LEU A 242 -12.42 25.65 19.24
N LEU A 243 -12.41 24.34 19.49
CA LEU A 243 -13.37 23.42 18.89
C LEU A 243 -14.84 23.75 19.25
N PRO A 244 -15.15 23.99 20.54
CA PRO A 244 -16.55 24.32 20.87
C PRO A 244 -17.04 25.58 20.14
N LEU A 245 -16.19 26.61 20.08
CA LEU A 245 -16.48 27.83 19.33
C LEU A 245 -16.77 27.53 17.86
N VAL A 246 -15.85 26.81 17.20
CA VAL A 246 -15.96 26.51 15.77
C VAL A 246 -17.22 25.69 15.42
N MET A 247 -17.47 24.65 16.21
CA MET A 247 -18.63 23.82 15.99
C MET A 247 -19.93 24.62 16.13
N GLY A 248 -19.97 25.50 17.12
CA GLY A 248 -21.12 26.40 17.32
C GLY A 248 -21.33 27.34 16.15
N LEU A 249 -20.23 27.87 15.61
CA LEU A 249 -20.28 28.74 14.43
C LEU A 249 -20.82 28.00 13.21
N ILE A 250 -20.44 26.73 13.11
CA ILE A 250 -20.76 25.92 11.95
C ILE A 250 -22.26 25.56 11.89
N VAL A 251 -22.82 25.14 13.02
CA VAL A 251 -24.22 24.69 13.04
C VAL A 251 -25.20 25.84 13.00
N SER A 252 -24.74 27.03 13.38
CA SER A 252 -25.50 28.26 13.26
C SER A 252 -25.19 28.96 11.93
N GLU A 253 -24.34 28.32 11.12
CA GLU A 253 -24.02 28.78 9.76
C GLU A 253 -23.43 30.19 9.77
N ALA A 254 -22.60 30.46 10.76
CA ALA A 254 -22.10 31.82 11.02
C ALA A 254 -20.57 31.95 10.98
N LEU A 255 -19.86 30.88 10.65
CA LEU A 255 -18.39 30.87 10.70
C LEU A 255 -17.69 32.04 9.99
N PRO A 256 -18.04 32.32 8.71
CA PRO A 256 -17.32 33.36 7.99
C PRO A 256 -17.53 34.78 8.53
N THR A 257 -18.47 34.91 9.47
CA THR A 257 -18.84 36.24 9.95
C THR A 257 -17.85 36.76 11.00
N VAL A 258 -16.99 35.89 11.51
CA VAL A 258 -16.09 36.26 12.59
C VAL A 258 -14.64 36.32 12.14
N ASP A 259 -13.87 37.16 12.82
CA ASP A 259 -12.43 37.22 12.62
C ASP A 259 -11.78 35.99 13.27
N MET A 260 -11.41 35.04 12.43
CA MET A 260 -10.88 33.76 12.91
C MET A 260 -9.49 33.88 13.55
N GLY A 261 -8.70 34.85 13.09
CA GLY A 261 -7.39 35.12 13.68
C GLY A 261 -7.48 35.51 15.16
N VAL A 262 -8.34 36.49 15.44
CA VAL A 262 -8.59 36.93 16.80
C VAL A 262 -9.25 35.81 17.63
N THR A 263 -10.17 35.08 17.00
CA THR A 263 -10.84 33.96 17.69
C THR A 263 -9.81 32.91 18.12
N GLU A 264 -8.92 32.52 17.21
CA GLU A 264 -7.87 31.57 17.52
C GLU A 264 -6.94 32.10 18.62
N GLU A 265 -6.60 33.38 18.54
CA GLU A 265 -5.80 34.04 19.59
C GLU A 265 -6.43 33.87 20.96
N LEU A 266 -7.72 34.19 21.06
CA LEU A 266 -8.46 34.03 22.31
C LEU A 266 -8.43 32.59 22.79
N ALA A 267 -8.74 31.66 21.87
CA ALA A 267 -8.82 30.24 22.21
C ALA A 267 -7.51 29.69 22.75
N MET A 268 -6.39 30.12 22.15
CA MET A 268 -5.07 29.66 22.58
C MET A 268 -4.71 30.22 23.94
N LEU A 269 -5.02 31.48 24.13
CA LEU A 269 -4.74 32.17 25.39
C LEU A 269 -5.56 31.60 26.54
N MET A 270 -6.86 31.40 26.33
CA MET A 270 -7.71 30.84 27.39
C MET A 270 -7.37 29.37 27.68
N GLY A 271 -7.03 28.63 26.63
CA GLY A 271 -6.63 27.24 26.74
C GLY A 271 -5.32 27.06 27.48
N GLU A 272 -4.36 27.95 27.21
CA GLU A 272 -3.10 27.90 27.95
C GLU A 272 -3.35 28.08 29.45
N TYR A 273 -4.09 29.13 29.79
CA TYR A 273 -4.49 29.49 31.15
C TYR A 273 -5.26 28.35 31.84
N PHE A 274 -6.19 27.74 31.10
CA PHE A 274 -6.92 26.57 31.58
C PHE A 274 -5.97 25.44 32.00
N GLN A 275 -4.98 25.15 31.17
CA GLN A 275 -4.03 24.08 31.49
C GLN A 275 -3.09 24.47 32.63
N VAL A 276 -2.70 25.74 32.68
CA VAL A 276 -1.99 26.26 33.84
C VAL A 276 -2.78 26.01 35.13
N GLN A 277 -4.08 26.32 35.12
CA GLN A 277 -4.93 26.04 36.29
C GLN A 277 -4.93 24.56 36.62
N ASP A 278 -5.05 23.73 35.59
CA ASP A 278 -5.02 22.27 35.78
C ASP A 278 -3.75 21.81 36.49
N ASP A 279 -2.61 22.36 36.05
CA ASP A 279 -1.31 22.01 36.59
C ASP A 279 -1.19 22.46 38.04
N VAL A 280 -1.66 23.66 38.34
CA VAL A 280 -1.59 24.19 39.71
C VAL A 280 -2.45 23.34 40.64
N MET A 281 -3.69 23.09 40.23
CA MET A 281 -4.63 22.26 41.00
C MET A 281 -4.11 20.85 41.24
N ASP A 282 -3.32 20.33 40.30
CA ASP A 282 -2.72 19.01 40.43
C ASP A 282 -1.94 18.85 41.72
N CYS A 283 -1.24 19.92 42.09
CA CYS A 283 -0.44 19.91 43.32
C CYS A 283 -1.20 20.49 44.51
N PHE A 284 -1.96 21.56 44.28
CA PHE A 284 -2.44 22.40 45.39
C PHE A 284 -3.92 22.26 45.78
N THR A 285 -4.73 21.66 44.91
CA THR A 285 -6.16 21.50 45.20
C THR A 285 -6.44 20.11 45.79
N PRO A 286 -7.10 20.07 46.96
CA PRO A 286 -7.48 18.80 47.62
C PRO A 286 -8.30 17.87 46.71
N PRO A 287 -8.02 16.55 46.77
CA PRO A 287 -8.73 15.50 46.04
C PRO A 287 -10.26 15.54 46.17
N GLU A 288 -10.78 15.88 47.35
CA GLU A 288 -12.24 15.95 47.58
C GLU A 288 -12.89 17.05 46.76
N ARG A 289 -12.12 18.07 46.42
CA ARG A 289 -12.62 19.17 45.61
C ARG A 289 -12.21 18.97 44.15
N LEU A 290 -11.02 18.44 43.92
CA LEU A 290 -10.52 18.26 42.56
C LEU A 290 -11.17 17.06 41.85
N GLY A 291 -11.41 15.99 42.61
CA GLY A 291 -12.00 14.78 42.05
C GLY A 291 -10.98 13.80 41.51
N LYS A 292 -9.71 14.21 41.50
CA LYS A 292 -8.64 13.34 41.02
C LYS A 292 -7.36 13.48 41.87
N VAL A 293 -6.57 12.42 41.93
CA VAL A 293 -5.29 12.42 42.61
C VAL A 293 -4.21 12.90 41.62
N GLY A 294 -3.41 13.89 42.03
CA GLY A 294 -2.36 14.44 41.17
C GLY A 294 -1.22 13.47 40.88
N THR A 295 -0.72 13.47 39.65
CA THR A 295 0.39 12.59 39.26
C THR A 295 1.54 13.29 38.55
N ASP A 296 1.42 14.61 38.34
CA ASP A 296 2.44 15.34 37.56
C ASP A 296 3.86 15.16 38.12
N ILE A 297 3.99 15.30 39.44
CA ILE A 297 5.31 15.19 40.09
C ILE A 297 5.90 13.80 39.86
N GLN A 298 5.12 12.76 40.16
CA GLN A 298 5.57 11.37 39.98
C GLN A 298 5.94 11.03 38.55
N ASP A 299 5.19 11.59 37.60
CA ASP A 299 5.38 11.29 36.18
C ASP A 299 6.43 12.19 35.54
N ALA A 300 7.00 13.11 36.33
CA ALA A 300 8.04 14.04 35.88
C ALA A 300 7.56 14.95 34.76
N LYS A 301 6.30 15.39 34.86
CA LYS A 301 5.71 16.19 33.79
C LYS A 301 6.34 17.58 33.71
N CYS A 302 6.39 18.11 32.49
CA CYS A 302 6.74 19.51 32.27
C CYS A 302 5.50 20.38 32.53
N SER A 303 5.15 20.48 33.80
CA SER A 303 4.01 21.27 34.25
C SER A 303 4.38 22.73 34.38
N TRP A 304 3.37 23.58 34.54
CA TRP A 304 3.60 25.00 34.78
C TRP A 304 4.35 25.22 36.08
N LEU A 305 4.07 24.39 37.08
CA LEU A 305 4.72 24.50 38.37
C LEU A 305 6.21 24.26 38.24
N ALA A 306 6.55 23.19 37.53
CA ALA A 306 7.93 22.78 37.32
C ALA A 306 8.71 23.82 36.55
N VAL A 307 8.15 24.31 35.45
CA VAL A 307 8.86 25.25 34.58
C VAL A 307 9.09 26.59 35.27
N THR A 308 8.08 27.07 35.99
CA THR A 308 8.10 28.34 36.70
C THR A 308 9.04 28.25 37.92
N PHE A 309 8.93 27.15 38.66
CA PHE A 309 9.83 26.88 39.78
C PHE A 309 11.29 26.92 39.34
N LEU A 310 11.63 26.17 38.29
CA LEU A 310 13.01 26.05 37.82
C LEU A 310 13.60 27.37 37.27
N ALA A 311 12.72 28.21 36.74
CA ALA A 311 13.09 29.54 36.26
C ALA A 311 13.44 30.54 37.38
N LYS A 312 12.95 30.30 38.58
CA LYS A 312 13.04 31.28 39.65
C LYS A 312 13.80 30.79 40.90
N ALA A 313 13.88 29.47 41.09
CA ALA A 313 14.31 28.92 42.37
C ALA A 313 15.82 29.07 42.57
N SER A 314 16.24 29.05 43.84
CA SER A 314 17.67 29.09 44.21
C SER A 314 18.38 27.80 43.83
N SER A 315 19.71 27.86 43.82
CA SER A 315 20.53 26.72 43.46
C SER A 315 20.25 25.48 44.30
N ALA A 316 20.12 25.65 45.61
CA ALA A 316 19.86 24.52 46.51
C ALA A 316 18.47 23.93 46.31
N GLN A 317 17.49 24.79 46.05
CA GLN A 317 16.12 24.37 45.78
C GLN A 317 16.07 23.56 44.49
N VAL A 318 16.71 24.09 43.45
CA VAL A 318 16.78 23.41 42.15
C VAL A 318 17.38 22.00 42.30
N ALA A 319 18.52 21.94 43.01
CA ALA A 319 19.19 20.66 43.28
C ALA A 319 18.31 19.65 44.05
N GLU A 320 17.59 20.13 45.06
CA GLU A 320 16.68 19.23 45.81
C GLU A 320 15.49 18.78 44.95
N PHE A 321 15.06 19.64 44.04
CA PHE A 321 13.98 19.31 43.10
C PHE A 321 14.42 18.18 42.18
N LYS A 322 15.62 18.32 41.61
CA LYS A 322 16.15 17.34 40.67
C LYS A 322 16.35 15.97 41.31
N ALA A 323 16.66 15.97 42.60
CA ALA A 323 16.89 14.74 43.34
C ALA A 323 15.61 14.03 43.74
N ASN A 324 14.48 14.75 43.70
CA ASN A 324 13.22 14.24 44.21
C ASN A 324 12.07 14.13 43.20
N TYR A 325 12.24 14.76 42.04
CA TYR A 325 11.19 14.79 41.02
C TYR A 325 11.09 13.49 40.24
N GLY A 326 9.86 13.15 39.84
CA GLY A 326 9.65 11.98 38.98
C GLY A 326 9.73 10.67 39.70
N SER A 327 9.31 10.66 40.97
CA SER A 327 9.34 9.46 41.79
C SER A 327 8.03 9.28 42.53
N GLY A 328 7.58 8.02 42.64
CA GLY A 328 6.36 7.70 43.36
C GLY A 328 6.54 7.68 44.87
N ASP A 329 7.80 7.78 45.32
CA ASP A 329 8.13 7.83 46.74
C ASP A 329 7.37 8.96 47.44
N SER A 330 6.59 8.57 48.44
CA SER A 330 5.78 9.50 49.24
C SER A 330 6.59 10.68 49.79
N GLU A 331 7.78 10.40 50.32
CA GLU A 331 8.60 11.47 50.92
C GLU A 331 9.18 12.40 49.85
N LYS A 332 9.56 11.84 48.71
CA LYS A 332 10.09 12.63 47.58
C LYS A 332 9.03 13.57 46.97
N VAL A 333 7.80 13.07 46.84
CA VAL A 333 6.68 13.89 46.37
C VAL A 333 6.39 15.04 47.34
N ALA A 334 6.39 14.72 48.64
CA ALA A 334 6.19 15.74 49.68
C ALA A 334 7.28 16.81 49.64
N THR A 335 8.53 16.41 49.42
CA THR A 335 9.62 17.35 49.25
C THR A 335 9.35 18.33 48.10
N VAL A 336 8.94 17.79 46.95
CA VAL A 336 8.66 18.61 45.74
C VAL A 336 7.51 19.59 46.00
N ARG A 337 6.45 19.08 46.63
CA ARG A 337 5.31 19.90 47.05
C ARG A 337 5.79 21.02 47.98
N ARG A 338 6.64 20.67 48.93
CA ARG A 338 7.20 21.65 49.88
C ARG A 338 7.99 22.74 49.17
N LEU A 339 8.81 22.33 48.20
CA LEU A 339 9.60 23.27 47.41
C LEU A 339 8.74 24.24 46.60
N TYR A 340 7.64 23.74 46.02
CA TYR A 340 6.72 24.61 45.29
C TYR A 340 6.11 25.66 46.22
N GLU A 341 5.74 25.23 47.42
CA GLU A 341 5.18 26.10 48.45
C GLU A 341 6.19 27.17 48.87
N GLU A 342 7.42 26.74 49.17
CA GLU A 342 8.52 27.66 49.53
C GLU A 342 8.78 28.70 48.45
N ALA A 343 8.65 28.31 47.18
CA ALA A 343 8.93 29.19 46.05
C ALA A 343 7.80 30.17 45.76
N ASP A 344 6.74 30.11 46.56
CA ASP A 344 5.53 30.91 46.37
C ASP A 344 5.06 30.92 44.91
N LEU A 345 4.85 29.72 44.37
CA LEU A 345 4.37 29.59 43.00
C LEU A 345 2.91 30.03 42.92
N GLN A 346 2.16 29.74 43.99
CA GLN A 346 0.78 30.25 44.13
C GLN A 346 0.76 31.74 43.81
N GLY A 347 1.75 32.45 44.36
CA GLY A 347 1.94 33.85 44.09
C GLY A 347 2.06 34.16 42.62
N ASP A 348 3.04 33.55 41.96
CA ASP A 348 3.28 33.76 40.51
C ASP A 348 2.04 33.48 39.67
N TYR A 349 1.24 32.51 40.12
CA TYR A 349 0.01 32.17 39.42
C TYR A 349 -0.94 33.35 39.38
N VAL A 350 -1.16 33.96 40.55
CA VAL A 350 -2.08 35.11 40.67
C VAL A 350 -1.66 36.23 39.73
N ALA A 351 -0.34 36.42 39.60
CA ALA A 351 0.22 37.42 38.68
C ALA A 351 0.07 37.01 37.21
N TYR A 352 0.31 35.73 36.91
CA TYR A 352 0.09 35.22 35.55
C TYR A 352 -1.39 35.38 35.17
N GLU A 353 -2.27 35.05 36.11
CA GLU A 353 -3.72 35.15 35.92
C GLU A 353 -4.18 36.58 35.56
N ALA A 354 -3.66 37.56 36.29
CA ALA A 354 -3.97 38.98 36.01
C ALA A 354 -3.52 39.41 34.61
N ALA A 355 -2.32 38.98 34.20
CA ALA A 355 -1.81 39.28 32.86
C ALA A 355 -2.69 38.66 31.76
N VAL A 356 -3.14 37.43 31.98
CA VAL A 356 -4.00 36.74 31.01
C VAL A 356 -5.34 37.47 30.88
N ALA A 357 -5.95 37.78 32.02
CA ALA A 357 -7.24 38.47 32.06
C ALA A 357 -7.21 39.79 31.30
N GLU A 358 -6.09 40.51 31.43
CA GLU A 358 -5.87 41.75 30.70
C GLU A 358 -5.93 41.51 29.19
N GLN A 359 -5.15 40.55 28.69
CA GLN A 359 -5.11 40.25 27.25
C GLN A 359 -6.43 39.69 26.71
N VAL A 360 -7.13 38.91 27.53
CA VAL A 360 -8.45 38.36 27.18
C VAL A 360 -9.45 39.49 26.91
N LYS A 361 -9.51 40.43 27.86
CA LYS A 361 -10.37 41.62 27.72
C LYS A 361 -10.08 42.35 26.41
N GLU A 362 -8.80 42.62 26.14
CA GLU A 362 -8.35 43.26 24.90
C GLU A 362 -8.94 42.59 23.66
N LEU A 363 -8.79 41.26 23.60
CA LEU A 363 -9.17 40.49 22.43
C LEU A 363 -10.69 40.34 22.26
N ILE A 364 -11.40 40.21 23.39
CA ILE A 364 -12.86 40.15 23.34
C ILE A 364 -13.44 41.46 22.80
N GLU A 365 -12.88 42.59 23.26
CA GLU A 365 -13.26 43.89 22.72
C GLU A 365 -12.97 44.02 21.22
N LYS A 366 -11.83 43.50 20.77
CA LYS A 366 -11.53 43.45 19.33
C LYS A 366 -12.57 42.64 18.56
N LEU A 367 -12.99 41.51 19.13
CA LEU A 367 -13.96 40.65 18.51
C LEU A 367 -15.34 41.31 18.46
N ARG A 368 -15.66 42.05 19.51
CA ARG A 368 -16.97 42.70 19.67
C ARG A 368 -17.25 43.77 18.59
N LEU A 369 -16.19 44.38 18.09
CA LEU A 369 -16.30 45.38 17.02
C LEU A 369 -17.14 44.89 15.83
N CYS A 370 -16.90 43.67 15.38
CA CYS A 370 -17.58 43.12 14.21
C CYS A 370 -18.56 42.00 14.55
N SER A 371 -18.35 41.36 15.70
CA SER A 371 -19.14 40.20 16.11
C SER A 371 -19.59 40.34 17.57
N PRO A 372 -20.52 41.28 17.84
CA PRO A 372 -20.90 41.53 19.23
C PRO A 372 -21.51 40.32 19.91
N GLY A 373 -22.36 39.58 19.18
CA GLY A 373 -23.02 38.37 19.70
C GLY A 373 -22.03 37.25 20.02
N PHE A 374 -21.14 36.97 19.07
CA PHE A 374 -20.10 35.98 19.28
C PHE A 374 -19.21 36.33 20.48
N ALA A 375 -18.83 37.61 20.57
CA ALA A 375 -18.01 38.10 21.70
C ALA A 375 -18.68 37.88 23.05
N ALA A 376 -20.00 37.99 23.08
CA ALA A 376 -20.74 37.76 24.32
C ALA A 376 -20.62 36.30 24.72
N SER A 377 -20.65 35.39 23.76
CA SER A 377 -20.49 33.96 24.07
C SER A 377 -19.07 33.60 24.52
N VAL A 378 -18.08 34.28 23.93
CA VAL A 378 -16.68 34.11 24.34
C VAL A 378 -16.47 34.62 25.76
N GLU A 379 -17.05 35.76 26.08
CA GLU A 379 -17.01 36.28 27.45
C GLU A 379 -17.60 35.29 28.46
N THR A 380 -18.72 34.66 28.10
CA THR A 380 -19.29 33.63 28.99
C THR A 380 -18.32 32.46 29.18
N LEU A 381 -17.72 31.99 28.10
CA LEU A 381 -16.73 30.92 28.17
C LEU A 381 -15.56 31.32 29.06
N TRP A 382 -15.13 32.58 28.92
CA TRP A 382 -14.09 33.14 29.78
C TRP A 382 -14.53 33.14 31.26
N GLY A 383 -15.79 33.48 31.51
CA GLY A 383 -16.36 33.46 32.87
C GLY A 383 -16.41 32.09 33.52
N LYS A 384 -16.60 31.05 32.70
CA LYS A 384 -16.55 29.67 33.18
C LYS A 384 -15.13 29.19 33.49
N THR A 385 -14.13 29.98 33.12
CA THR A 385 -12.72 29.59 33.19
C THR A 385 -11.96 30.39 34.27
N TYR A 386 -12.10 31.71 34.22
CA TYR A 386 -11.42 32.63 35.12
C TYR A 386 -11.73 32.33 36.58
N LYS A 387 -10.67 32.16 37.36
CA LYS A 387 -10.78 31.86 38.80
C LYS A 387 -11.63 30.64 39.13
N ARG A 388 -11.71 29.69 38.18
CA ARG A 388 -12.43 28.44 38.41
C ARG A 388 -11.78 27.67 39.54
N GLN A 389 -12.59 26.98 40.33
CA GLN A 389 -12.08 26.21 41.47
C GLN A 389 -12.17 24.71 41.18
N LYS A 390 -12.98 24.39 40.17
CA LYS A 390 -13.24 23.04 39.62
C LYS A 390 -13.30 21.85 40.57
N MET B 24 26.98 4.98 -51.56
CA MET B 24 28.03 4.04 -52.06
C MET B 24 27.95 2.62 -51.46
N PRO B 25 27.78 2.50 -50.12
CA PRO B 25 27.72 1.15 -49.57
C PRO B 25 26.48 0.42 -50.08
N MET B 26 25.35 1.11 -50.12
CA MET B 26 24.12 0.57 -50.70
C MET B 26 24.29 0.24 -52.20
N GLN B 27 24.94 1.13 -52.95
CA GLN B 27 25.21 0.93 -54.38
C GLN B 27 26.12 -0.29 -54.63
N MET B 28 27.18 -0.41 -53.84
CA MET B 28 28.07 -1.56 -53.90
C MET B 28 27.33 -2.86 -53.52
N PHE B 29 26.51 -2.79 -52.48
CA PHE B 29 25.74 -3.93 -51.99
C PHE B 29 24.78 -4.46 -53.05
N MET B 30 24.09 -3.55 -53.73
CA MET B 30 23.15 -3.94 -54.77
C MET B 30 23.84 -4.49 -56.02
N GLN B 31 25.05 -4.02 -56.30
CA GLN B 31 25.84 -4.55 -57.40
C GLN B 31 26.26 -6.00 -57.13
N VAL B 32 26.61 -6.31 -55.89
CA VAL B 32 26.98 -7.68 -55.53
C VAL B 32 25.75 -8.61 -55.61
N TYR B 33 24.57 -8.08 -55.27
CA TYR B 33 23.34 -8.85 -55.45
C TYR B 33 23.19 -9.33 -56.89
N ASP B 34 23.40 -8.40 -57.84
CA ASP B 34 23.34 -8.75 -59.27
C ASP B 34 24.32 -9.86 -59.64
N GLU B 35 25.55 -9.77 -59.13
CA GLU B 35 26.55 -10.80 -59.38
C GLU B 35 26.09 -12.12 -58.78
N ILE B 36 25.57 -12.08 -57.57
CA ILE B 36 25.11 -13.30 -56.89
C ILE B 36 23.97 -13.92 -57.68
N GLN B 37 22.97 -13.12 -58.01
CA GLN B 37 21.82 -13.60 -58.76
C GLN B 37 22.22 -14.17 -60.12
N MET B 38 23.15 -13.50 -60.79
CA MET B 38 23.59 -13.97 -62.11
C MET B 38 24.25 -15.34 -61.98
N PHE B 39 25.19 -15.48 -61.07
CA PHE B 39 25.84 -16.77 -60.85
C PHE B 39 24.82 -17.89 -60.60
N LEU B 40 23.90 -17.64 -59.67
CA LEU B 40 22.95 -18.67 -59.24
C LEU B 40 22.00 -19.10 -60.36
N LEU B 41 21.37 -18.13 -61.00
CA LEU B 41 20.41 -18.39 -62.07
C LEU B 41 21.04 -19.02 -63.32
N GLU B 42 22.24 -18.57 -63.67
CA GLU B 42 22.91 -19.13 -64.85
C GLU B 42 23.38 -20.56 -64.61
N GLU B 43 23.70 -20.89 -63.37
CA GLU B 43 24.06 -22.25 -63.01
C GLU B 43 22.88 -23.23 -63.25
N LEU B 44 21.70 -22.83 -62.81
CA LEU B 44 20.51 -23.70 -62.85
C LEU B 44 20.16 -24.13 -64.28
N GLU B 45 20.22 -23.18 -65.20
CA GLU B 45 20.04 -23.45 -66.60
C GLU B 45 21.05 -24.50 -67.05
N LEU B 46 22.32 -24.24 -66.80
CA LEU B 46 23.40 -25.04 -67.32
C LEU B 46 23.63 -26.37 -66.59
N LYS B 47 23.34 -26.43 -65.28
CA LYS B 47 23.72 -27.57 -64.44
C LYS B 47 22.56 -28.39 -63.85
N PHE B 48 21.36 -27.81 -63.85
CA PHE B 48 20.20 -28.46 -63.26
C PHE B 48 19.09 -28.68 -64.28
N ASP B 49 19.42 -28.53 -65.57
CA ASP B 49 18.45 -28.76 -66.65
C ASP B 49 17.17 -27.92 -66.44
N MET B 50 17.33 -26.73 -65.88
CA MET B 50 16.16 -25.94 -65.57
C MET B 50 15.65 -25.15 -66.78
N ASP B 51 14.33 -25.22 -67.01
CA ASP B 51 13.66 -24.49 -68.09
C ASP B 51 13.52 -23.01 -67.77
N PRO B 52 13.40 -22.16 -68.83
CA PRO B 52 13.29 -20.72 -68.63
C PRO B 52 12.15 -20.29 -67.71
N ASN B 53 11.04 -21.02 -67.71
CA ASN B 53 9.89 -20.68 -66.86
C ASN B 53 10.21 -20.79 -65.36
N ARG B 54 10.87 -21.88 -65.00
CA ARG B 54 11.27 -22.09 -63.60
C ARG B 54 12.45 -21.20 -63.20
N VAL B 55 13.35 -20.87 -64.13
CA VAL B 55 14.40 -19.89 -63.88
C VAL B 55 13.77 -18.53 -63.56
N ARG B 56 12.77 -18.15 -64.37
CA ARG B 56 11.99 -16.95 -64.15
C ARG B 56 11.27 -16.98 -62.79
N TYR B 57 10.67 -18.11 -62.48
CA TYR B 57 9.99 -18.26 -61.18
C TYR B 57 10.97 -18.00 -60.02
N LEU B 58 12.15 -18.62 -60.10
CA LEU B 58 13.13 -18.49 -59.02
C LEU B 58 13.71 -17.09 -58.96
N ARG B 59 13.84 -16.44 -60.12
CA ARG B 59 14.30 -15.05 -60.12
C ARG B 59 13.29 -14.18 -59.37
N LYS B 60 12.01 -14.35 -59.68
CA LYS B 60 10.95 -13.61 -58.94
C LYS B 60 10.95 -13.94 -57.43
N MET B 61 11.09 -15.21 -57.09
CA MET B 61 11.15 -15.64 -55.67
C MET B 61 12.30 -14.98 -54.92
N MET B 62 13.51 -15.07 -55.49
CA MET B 62 14.67 -14.41 -54.93
C MET B 62 14.41 -12.91 -54.72
N ASP B 63 13.96 -12.23 -55.78
CA ASP B 63 13.72 -10.78 -55.69
C ASP B 63 12.65 -10.45 -54.65
N THR B 64 11.58 -11.23 -54.63
CA THR B 64 10.46 -10.94 -53.73
C THR B 64 10.79 -11.17 -52.24
N THR B 65 11.59 -12.20 -51.97
CA THR B 65 11.91 -12.58 -50.59
C THR B 65 13.16 -11.90 -50.02
N CYS B 66 14.13 -11.59 -50.88
CA CYS B 66 15.40 -10.99 -50.44
C CYS B 66 15.50 -9.46 -50.55
N LEU B 67 14.63 -8.85 -51.38
CA LEU B 67 14.68 -7.41 -51.59
C LEU B 67 13.51 -6.70 -50.95
N GLY B 68 13.71 -5.42 -50.62
CA GLY B 68 12.63 -4.57 -50.14
C GLY B 68 12.67 -4.20 -48.67
N GLY B 69 13.57 -4.83 -47.93
CA GLY B 69 13.79 -4.50 -46.52
C GLY B 69 14.82 -3.39 -46.44
N LYS B 70 15.36 -3.16 -45.25
CA LYS B 70 16.32 -2.08 -45.03
C LYS B 70 17.77 -2.52 -45.21
N TYR B 71 17.98 -3.84 -45.25
CA TYR B 71 19.33 -4.43 -45.39
C TYR B 71 20.27 -4.04 -44.25
N ASN B 72 19.70 -3.83 -43.08
CA ASN B 72 20.52 -3.43 -41.94
C ASN B 72 21.53 -4.49 -41.52
N ARG B 73 21.13 -5.75 -41.58
CA ARG B 73 22.06 -6.84 -41.30
C ARG B 73 23.20 -6.82 -42.33
N GLY B 74 22.84 -6.82 -43.61
CA GLY B 74 23.84 -6.81 -44.68
C GLY B 74 24.77 -5.61 -44.61
N LEU B 75 24.18 -4.41 -44.50
CA LEU B 75 24.92 -3.16 -44.44
C LEU B 75 25.82 -3.04 -43.20
N THR B 76 25.41 -3.69 -42.11
CA THR B 76 26.27 -3.76 -40.92
C THR B 76 27.58 -4.51 -41.20
N VAL B 77 27.50 -5.61 -41.96
CA VAL B 77 28.70 -6.39 -42.24
C VAL B 77 29.74 -5.53 -42.96
N ILE B 78 29.26 -4.76 -43.94
CA ILE B 78 30.13 -3.83 -44.70
C ILE B 78 30.73 -2.79 -43.77
N ASP B 79 29.90 -2.21 -42.91
CA ASP B 79 30.36 -1.13 -42.03
C ASP B 79 31.46 -1.64 -41.10
N VAL B 80 31.26 -2.83 -40.53
CA VAL B 80 32.24 -3.45 -39.61
C VAL B 80 33.56 -3.81 -40.32
N ALA B 81 33.46 -4.50 -41.46
CA ALA B 81 34.63 -4.87 -42.24
C ALA B 81 35.49 -3.66 -42.59
N GLU B 82 34.83 -2.65 -43.17
CA GLU B 82 35.46 -1.40 -43.59
C GLU B 82 36.06 -0.66 -42.38
N SER B 83 35.32 -0.60 -41.27
CA SER B 83 35.80 0.01 -40.04
C SER B 83 37.09 -0.59 -39.48
N LEU B 84 37.27 -1.89 -39.63
CA LEU B 84 38.36 -2.55 -38.94
C LEU B 84 39.55 -2.85 -39.84
N LEU B 85 39.40 -2.45 -41.10
CA LEU B 85 40.40 -2.65 -42.15
C LEU B 85 41.83 -2.20 -41.76
N SER B 86 41.93 -1.18 -40.92
CA SER B 86 43.24 -0.65 -40.49
C SER B 86 43.93 -1.51 -39.42
N ASP B 97 46.42 -0.49 -48.15
CA ASP B 97 46.26 -1.16 -49.44
C ASP B 97 44.88 -0.95 -50.06
N GLY B 98 44.86 -0.33 -51.24
CA GLY B 98 43.62 -0.06 -51.97
C GLY B 98 43.01 -1.31 -52.59
N ALA B 99 43.86 -2.28 -52.91
CA ALA B 99 43.41 -3.55 -53.50
C ALA B 99 42.76 -4.42 -52.42
N ARG B 100 43.36 -4.44 -51.24
CA ARG B 100 42.84 -5.18 -50.09
C ARG B 100 41.50 -4.61 -49.65
N ARG B 101 41.35 -3.29 -49.71
CA ARG B 101 40.08 -2.64 -49.40
C ARG B 101 38.98 -3.12 -50.34
N LYS B 102 39.28 -3.14 -51.64
CA LYS B 102 38.35 -3.65 -52.64
C LYS B 102 37.91 -5.08 -52.30
N ARG B 103 38.88 -5.94 -51.98
CA ARG B 103 38.59 -7.33 -51.68
C ARG B 103 37.73 -7.49 -50.43
N VAL B 104 38.16 -6.88 -49.32
CA VAL B 104 37.45 -7.01 -48.05
C VAL B 104 36.00 -6.55 -48.20
N LEU B 105 35.84 -5.41 -48.86
CA LEU B 105 34.53 -4.85 -49.15
C LEU B 105 33.64 -5.77 -49.98
N HIS B 106 34.23 -6.43 -50.98
CA HIS B 106 33.46 -7.37 -51.79
C HIS B 106 33.07 -8.61 -50.97
N ASP B 107 34.03 -9.15 -50.21
CA ASP B 107 33.75 -10.24 -49.27
C ASP B 107 32.64 -9.87 -48.27
N ALA B 108 32.70 -8.65 -47.71
CA ALA B 108 31.70 -8.14 -46.78
C ALA B 108 30.30 -8.05 -47.41
N CYS B 109 30.24 -7.61 -48.66
CA CYS B 109 29.00 -7.61 -49.43
C CYS B 109 28.40 -9.01 -49.61
N VAL B 110 29.24 -9.99 -49.92
CA VAL B 110 28.76 -11.36 -50.09
C VAL B 110 28.23 -11.93 -48.75
N CYS B 111 28.99 -11.71 -47.68
CA CYS B 111 28.58 -12.10 -46.31
C CYS B 111 27.26 -11.46 -45.92
N GLY B 112 27.13 -10.17 -46.24
CA GLY B 112 25.90 -9.44 -46.05
C GLY B 112 24.72 -10.10 -46.72
N TRP B 113 24.87 -10.45 -48.00
CA TRP B 113 23.81 -11.18 -48.71
C TRP B 113 23.57 -12.59 -48.15
N MET B 114 24.61 -13.26 -47.70
CA MET B 114 24.38 -14.54 -46.99
C MET B 114 23.40 -14.36 -45.87
N ILE B 115 23.58 -13.32 -45.05
CA ILE B 115 22.68 -13.04 -43.92
C ILE B 115 21.29 -12.61 -44.40
N GLU B 116 21.23 -11.77 -45.42
CA GLU B 116 19.93 -11.38 -45.98
C GLU B 116 19.15 -12.56 -46.55
N PHE B 117 19.86 -13.49 -47.21
CA PHE B 117 19.23 -14.69 -47.75
C PHE B 117 18.79 -15.64 -46.61
N LEU B 118 19.63 -15.77 -45.58
CA LEU B 118 19.27 -16.59 -44.42
C LEU B 118 18.03 -16.03 -43.77
N GLN B 119 17.99 -14.71 -43.59
CA GLN B 119 16.76 -14.08 -43.15
C GLN B 119 15.57 -14.33 -44.06
N ALA B 120 15.78 -14.16 -45.37
CA ALA B 120 14.70 -14.41 -46.34
C ALA B 120 14.14 -15.81 -46.12
N HIS B 121 15.04 -16.77 -45.96
CA HIS B 121 14.69 -18.16 -45.66
C HIS B 121 13.80 -18.25 -44.42
N TYR B 122 14.25 -17.67 -43.29
CA TYR B 122 13.45 -17.72 -42.06
C TYR B 122 12.10 -17.03 -42.20
N LEU B 123 12.05 -15.90 -42.91
CA LEU B 123 10.78 -15.18 -43.08
C LEU B 123 9.76 -15.90 -43.95
N VAL B 124 10.20 -16.61 -44.99
CA VAL B 124 9.27 -17.44 -45.78
C VAL B 124 8.63 -18.54 -44.89
N GLU B 125 9.48 -19.26 -44.15
CA GLU B 125 8.96 -20.33 -43.27
C GLU B 125 8.15 -19.77 -42.11
N ASP B 126 8.62 -18.67 -41.51
CA ASP B 126 7.95 -18.02 -40.38
C ASP B 126 6.55 -17.54 -40.79
N ASP B 127 6.43 -16.95 -41.98
CA ASP B 127 5.13 -16.45 -42.42
C ASP B 127 4.10 -17.57 -42.51
N ILE B 128 4.51 -18.74 -43.00
CA ILE B 128 3.67 -19.94 -43.03
C ILE B 128 3.34 -20.42 -41.59
N MET B 129 4.39 -20.51 -40.76
CA MET B 129 4.22 -20.91 -39.34
C MET B 129 3.29 -19.99 -38.56
N ASP B 130 3.40 -18.69 -38.83
CA ASP B 130 2.62 -17.69 -38.10
C ASP B 130 1.30 -17.30 -38.78
N ASN B 131 1.00 -17.95 -39.91
CA ASN B 131 -0.22 -17.68 -40.67
C ASN B 131 -0.35 -16.19 -41.02
N SER B 132 0.75 -15.58 -41.43
CA SER B 132 0.76 -14.18 -41.73
C SER B 132 0.17 -13.91 -43.11
N VAL B 133 -0.19 -12.65 -43.37
CA VAL B 133 -0.93 -12.28 -44.57
C VAL B 133 -0.04 -11.47 -45.49
N THR B 134 0.58 -10.44 -44.93
CA THR B 134 1.38 -9.51 -45.68
C THR B 134 2.81 -9.41 -45.10
N ARG B 135 3.76 -9.05 -45.95
CA ARG B 135 5.09 -8.65 -45.53
C ARG B 135 5.61 -7.58 -46.47
N ARG B 136 6.19 -6.51 -45.91
CA ARG B 136 6.72 -5.37 -46.66
C ARG B 136 5.74 -4.82 -47.69
N GLY B 137 4.46 -4.78 -47.31
CA GLY B 137 3.43 -4.19 -48.16
C GLY B 137 2.87 -5.09 -49.23
N LYS B 138 3.46 -6.28 -49.41
CA LYS B 138 3.01 -7.28 -50.40
C LYS B 138 2.52 -8.56 -49.71
N PRO B 139 1.84 -9.47 -50.45
CA PRO B 139 1.52 -10.74 -49.83
C PRO B 139 2.76 -11.48 -49.38
N CYS B 140 2.63 -12.25 -48.29
CA CYS B 140 3.66 -13.19 -47.88
C CYS B 140 3.92 -14.10 -49.05
N TRP B 141 5.11 -14.68 -49.12
CA TRP B 141 5.44 -15.54 -50.24
C TRP B 141 4.41 -16.64 -50.43
N TYR B 142 4.06 -17.35 -49.35
CA TYR B 142 3.10 -18.43 -49.45
C TYR B 142 1.68 -17.96 -49.78
N ARG B 143 1.44 -16.66 -49.66
CA ARG B 143 0.14 -16.05 -49.96
C ARG B 143 0.04 -15.49 -51.39
N HIS B 144 1.11 -15.60 -52.17
CA HIS B 144 1.01 -15.12 -53.56
C HIS B 144 0.03 -16.00 -54.31
N PRO B 145 -0.78 -15.39 -55.20
CA PRO B 145 -1.79 -16.22 -55.86
C PRO B 145 -1.24 -17.42 -56.64
N ASP B 146 -0.06 -17.31 -57.23
CA ASP B 146 0.47 -18.47 -57.97
C ASP B 146 1.53 -19.30 -57.24
N VAL B 147 1.63 -19.10 -55.92
CA VAL B 147 2.50 -19.92 -55.09
C VAL B 147 1.64 -20.84 -54.23
N THR B 148 1.93 -22.14 -54.24
CA THR B 148 1.26 -23.09 -53.33
C THR B 148 2.03 -23.12 -52.00
N VAL B 149 1.35 -23.48 -50.91
CA VAL B 149 2.03 -23.56 -49.62
C VAL B 149 3.16 -24.59 -49.68
N GLN B 150 2.90 -25.71 -50.33
CA GLN B 150 3.90 -26.77 -50.46
C GLN B 150 5.13 -26.31 -51.24
N CYS B 151 4.92 -25.53 -52.33
CA CYS B 151 6.06 -24.91 -53.02
C CYS B 151 6.83 -23.92 -52.16
N ALA B 152 6.09 -23.04 -51.46
CA ALA B 152 6.69 -22.01 -50.61
C ALA B 152 7.62 -22.61 -49.53
N ILE B 153 7.16 -23.69 -48.88
CA ILE B 153 8.03 -24.38 -47.91
C ILE B 153 9.37 -24.72 -48.58
N ASN B 154 9.32 -25.35 -49.75
CA ASN B 154 10.54 -25.71 -50.44
C ASN B 154 11.33 -24.51 -50.95
N ASP B 155 10.63 -23.47 -51.45
CA ASP B 155 11.30 -22.21 -51.83
C ASP B 155 12.12 -21.63 -50.67
N GLY B 156 11.55 -21.65 -49.47
CA GLY B 156 12.31 -21.27 -48.28
C GLY B 156 13.60 -22.07 -48.14
N LEU B 157 13.54 -23.37 -48.42
CA LEU B 157 14.73 -24.23 -48.36
C LEU B 157 15.78 -23.84 -49.41
N LEU B 158 15.29 -23.48 -50.60
CA LEU B 158 16.19 -23.04 -51.68
C LEU B 158 16.97 -21.81 -51.24
N LEU B 159 16.30 -20.85 -50.60
CA LEU B 159 16.94 -19.63 -50.12
C LEU B 159 18.11 -19.91 -49.16
N LYS B 160 17.93 -20.86 -48.26
CA LYS B 160 19.01 -21.27 -47.35
C LYS B 160 20.15 -21.93 -48.10
N SER B 161 19.84 -22.85 -49.00
CA SER B 161 20.84 -23.49 -49.87
C SER B 161 21.69 -22.48 -50.63
N TRP B 162 21.04 -21.45 -51.15
CA TRP B 162 21.76 -20.36 -51.79
C TRP B 162 22.83 -19.68 -50.95
N THR B 163 22.66 -19.60 -49.63
CA THR B 163 23.70 -19.01 -48.77
C THR B 163 24.97 -19.84 -48.86
N HIS B 164 24.81 -21.15 -48.87
CA HIS B 164 25.97 -22.06 -49.01
C HIS B 164 26.57 -22.00 -50.41
N MET B 165 25.72 -21.96 -51.42
CA MET B 165 26.19 -21.84 -52.81
C MET B 165 27.01 -20.58 -53.07
N MET B 166 26.55 -19.44 -52.57
CA MET B 166 27.28 -18.19 -52.80
C MET B 166 28.60 -18.17 -52.01
N ALA B 167 28.57 -18.74 -50.80
CA ALA B 167 29.75 -18.81 -49.97
C ALA B 167 30.86 -19.55 -50.70
N MET B 168 30.54 -20.73 -51.25
CA MET B 168 31.52 -21.56 -51.93
C MET B 168 32.03 -20.88 -53.22
N HIS B 169 31.12 -20.24 -53.94
CA HIS B 169 31.50 -19.58 -55.18
C HIS B 169 32.53 -18.47 -54.95
N PHE B 170 32.30 -17.64 -53.93
CA PHE B 170 33.16 -16.50 -53.65
C PHE B 170 34.35 -16.77 -52.72
N PHE B 171 34.20 -17.74 -51.81
CA PHE B 171 35.17 -17.91 -50.72
C PHE B 171 35.97 -19.23 -50.72
N ALA B 172 35.84 -20.02 -51.78
CA ALA B 172 36.50 -21.33 -51.83
C ALA B 172 38.00 -21.28 -51.50
N ASP B 173 38.64 -20.16 -51.83
CA ASP B 173 40.06 -20.03 -51.59
C ASP B 173 40.44 -19.10 -50.43
N ARG B 174 39.45 -18.71 -49.62
CA ARG B 174 39.72 -17.86 -48.45
C ARG B 174 40.06 -18.73 -47.24
N PRO B 175 41.15 -18.40 -46.53
CA PRO B 175 41.52 -19.19 -45.35
C PRO B 175 40.50 -19.05 -44.22
N PHE B 176 39.68 -18.02 -44.28
CA PHE B 176 38.63 -17.82 -43.28
C PHE B 176 37.36 -18.61 -43.52
N LEU B 177 37.29 -19.37 -44.61
CA LEU B 177 36.04 -20.07 -44.98
C LEU B 177 35.49 -20.96 -43.86
N GLN B 178 36.32 -21.83 -43.30
CA GLN B 178 35.84 -22.76 -42.27
C GLN B 178 35.28 -22.05 -41.04
N ASP B 179 36.00 -21.04 -40.55
CA ASP B 179 35.56 -20.29 -39.38
C ASP B 179 34.28 -19.50 -39.69
N LEU B 180 34.22 -18.90 -40.88
CA LEU B 180 33.04 -18.14 -41.30
C LEU B 180 31.79 -19.02 -41.26
N LEU B 181 31.86 -20.17 -41.92
CA LEU B 181 30.72 -21.06 -42.06
C LEU B 181 30.39 -21.79 -40.77
N CYS B 182 31.41 -22.11 -39.98
CA CYS B 182 31.21 -22.67 -38.65
C CYS B 182 30.30 -21.77 -37.84
N ARG B 183 30.63 -20.48 -37.75
CA ARG B 183 29.83 -19.51 -37.03
C ARG B 183 28.47 -19.22 -37.69
N PHE B 184 28.46 -19.09 -39.02
CA PHE B 184 27.21 -18.85 -39.76
C PHE B 184 26.23 -20.00 -39.48
N ASN B 185 26.71 -21.25 -39.55
CA ASN B 185 25.86 -22.43 -39.33
C ASN B 185 25.36 -22.55 -37.90
N ARG B 186 26.22 -22.17 -36.95
CA ARG B 186 25.82 -22.15 -35.54
C ARG B 186 24.72 -21.13 -35.28
N VAL B 187 24.80 -19.97 -35.93
CA VAL B 187 23.75 -18.96 -35.76
C VAL B 187 22.45 -19.39 -36.45
N ASP B 188 22.58 -20.02 -37.62
CA ASP B 188 21.42 -20.64 -38.28
C ASP B 188 20.74 -21.60 -37.30
N TYR B 189 21.53 -22.49 -36.72
CA TYR B 189 21.06 -23.43 -35.71
C TYR B 189 20.38 -22.71 -34.54
N THR B 190 21.03 -21.69 -33.97
CA THR B 190 20.45 -20.98 -32.84
C THR B 190 19.10 -20.35 -33.17
N THR B 191 18.98 -19.80 -34.38
CA THR B 191 17.72 -19.24 -34.84
C THR B 191 16.59 -20.27 -34.84
N ALA B 192 16.87 -21.47 -35.36
CA ALA B 192 15.89 -22.56 -35.43
C ALA B 192 15.50 -23.02 -34.03
N VAL B 193 16.46 -23.01 -33.12
CA VAL B 193 16.16 -23.36 -31.71
C VAL B 193 15.24 -22.30 -31.11
N GLY B 194 15.52 -21.02 -31.43
CA GLY B 194 14.66 -19.90 -31.04
C GLY B 194 13.24 -19.98 -31.59
N GLN B 195 13.12 -20.38 -32.85
CA GLN B 195 11.81 -20.61 -33.46
C GLN B 195 11.03 -21.73 -32.74
N LEU B 196 11.72 -22.76 -32.29
CA LEU B 196 11.08 -23.79 -31.46
C LEU B 196 10.50 -23.20 -30.16
N TYR B 197 11.33 -22.40 -29.46
CA TYR B 197 10.86 -21.65 -28.29
C TYR B 197 9.62 -20.80 -28.59
N ASP B 198 9.66 -20.10 -29.72
CA ASP B 198 8.57 -19.20 -30.13
C ASP B 198 7.27 -19.98 -30.38
N VAL B 199 7.41 -21.12 -31.03
CA VAL B 199 6.27 -21.84 -31.52
C VAL B 199 5.60 -22.72 -30.45
N THR B 200 6.36 -23.07 -29.41
CA THR B 200 5.86 -23.88 -28.31
C THR B 200 5.62 -23.10 -27.02
N SER B 201 5.51 -21.79 -27.10
CA SER B 201 5.52 -20.93 -25.92
C SER B 201 4.15 -20.76 -25.29
N MET B 202 3.11 -21.08 -26.03
CA MET B 202 1.73 -20.94 -25.57
C MET B 202 1.19 -22.27 -25.07
N PHE B 203 2.07 -23.26 -24.99
CA PHE B 203 1.68 -24.57 -24.52
C PHE B 203 2.44 -24.89 -23.24
N ASP B 204 1.72 -25.40 -22.24
CA ASP B 204 2.33 -25.83 -20.98
C ASP B 204 3.44 -26.79 -21.33
N SER B 205 4.67 -26.47 -20.93
CA SER B 205 5.83 -27.22 -21.37
C SER B 205 5.93 -28.58 -20.68
N ASN B 206 5.32 -28.68 -19.49
CA ASN B 206 5.22 -29.96 -18.79
C ASN B 206 4.30 -30.93 -19.53
N LYS B 207 3.46 -30.40 -20.43
CA LYS B 207 2.51 -31.21 -21.20
C LYS B 207 2.95 -31.44 -22.66
N LEU B 208 4.23 -31.20 -22.93
CA LEU B 208 4.79 -31.36 -24.26
C LEU B 208 5.15 -32.82 -24.48
N ASP B 209 4.50 -33.46 -25.45
CA ASP B 209 4.72 -34.87 -25.76
C ASP B 209 4.15 -35.14 -27.15
N PRO B 210 5.01 -35.55 -28.12
CA PRO B 210 4.59 -35.77 -29.51
C PRO B 210 3.34 -36.64 -29.73
N ASP B 211 3.02 -37.56 -28.83
CA ASP B 211 1.79 -38.35 -29.01
C ASP B 211 0.61 -37.98 -28.11
N VAL B 212 0.26 -36.70 -27.96
CA VAL B 212 -0.88 -36.34 -27.10
C VAL B 212 -1.86 -35.30 -27.67
N SER B 213 -1.42 -34.04 -27.72
CA SER B 213 -2.23 -32.87 -28.12
C SER B 213 -2.73 -32.13 -26.89
N GLN B 214 -2.90 -30.81 -27.04
CA GLN B 214 -3.29 -29.91 -25.95
C GLN B 214 -3.61 -28.52 -26.51
N PRO B 215 -4.69 -27.89 -26.03
CA PRO B 215 -5.06 -26.56 -26.54
C PRO B 215 -4.09 -25.45 -26.09
N THR B 216 -4.31 -24.23 -26.56
CA THR B 216 -3.58 -23.04 -26.09
C THR B 216 -3.74 -22.95 -24.57
N THR B 217 -2.66 -22.54 -23.90
CA THR B 217 -2.63 -22.42 -22.44
C THR B 217 -3.82 -21.62 -21.95
N THR B 218 -4.31 -21.94 -20.76
CA THR B 218 -5.48 -21.25 -20.20
C THR B 218 -5.10 -20.35 -19.02
N ASP B 219 -4.01 -20.68 -18.34
CA ASP B 219 -3.51 -19.87 -17.23
C ASP B 219 -2.43 -18.88 -17.67
N PHE B 220 -1.78 -19.16 -18.81
CA PHE B 220 -0.72 -18.32 -19.36
C PHE B 220 0.46 -18.16 -18.39
N ALA B 221 0.67 -19.18 -17.57
CA ALA B 221 1.67 -19.13 -16.50
C ALA B 221 3.11 -19.17 -17.03
N GLU B 222 3.29 -19.65 -18.27
CA GLU B 222 4.58 -19.67 -18.96
C GLU B 222 4.94 -18.32 -19.58
N PHE B 223 3.94 -17.44 -19.67
CA PHE B 223 4.13 -16.10 -20.24
C PHE B 223 4.88 -15.24 -19.24
N THR B 224 6.10 -15.66 -18.94
CA THR B 224 6.97 -14.95 -18.02
C THR B 224 8.03 -14.20 -18.81
N LEU B 225 8.53 -13.12 -18.24
CA LEU B 225 9.58 -12.32 -18.84
C LEU B 225 10.84 -13.18 -19.03
N SER B 226 11.08 -14.06 -18.07
CA SER B 226 12.18 -15.01 -18.15
C SER B 226 12.10 -15.85 -19.42
N ASN B 227 10.93 -16.44 -19.67
CA ASN B 227 10.72 -17.24 -20.87
C ASN B 227 10.78 -16.37 -22.13
N TYR B 228 10.24 -15.16 -22.04
CA TYR B 228 10.26 -14.23 -23.18
C TYR B 228 11.71 -13.94 -23.62
N LYS B 229 12.56 -13.65 -22.64
CA LYS B 229 13.95 -13.28 -22.88
C LYS B 229 14.72 -14.38 -23.59
N ARG B 230 14.44 -15.63 -23.23
CA ARG B 230 15.01 -16.80 -23.90
C ARG B 230 14.55 -16.94 -25.37
N ILE B 231 13.26 -16.83 -25.61
CA ILE B 231 12.73 -16.90 -26.97
C ILE B 231 13.54 -15.95 -27.87
N VAL B 232 13.59 -14.70 -27.44
CA VAL B 232 13.97 -13.56 -28.25
C VAL B 232 15.49 -13.54 -28.50
N LYS B 233 16.25 -13.94 -27.49
CA LYS B 233 17.70 -14.12 -27.59
C LYS B 233 18.07 -15.06 -28.72
N TYR B 234 17.39 -16.21 -28.76
CA TYR B 234 17.73 -17.25 -29.73
C TYR B 234 17.08 -17.04 -31.11
N LYS B 235 15.80 -16.69 -31.14
CA LYS B 235 15.13 -16.52 -32.44
C LYS B 235 15.59 -15.27 -33.21
N THR B 236 16.04 -14.23 -32.50
CA THR B 236 16.31 -12.96 -33.16
C THR B 236 17.72 -12.36 -32.95
N ALA B 237 18.16 -12.29 -31.69
CA ALA B 237 19.40 -11.56 -31.35
C ALA B 237 20.66 -12.08 -32.04
N TYR B 238 20.80 -13.40 -32.14
CA TYR B 238 22.00 -13.97 -32.71
C TYR B 238 22.15 -13.65 -34.20
N TYR B 239 21.09 -13.81 -34.99
CA TYR B 239 21.26 -13.62 -36.44
C TYR B 239 21.14 -12.16 -36.87
N THR B 240 20.44 -11.35 -36.07
CA THR B 240 20.21 -9.96 -36.41
C THR B 240 21.35 -9.05 -35.94
N TYR B 241 21.93 -9.39 -34.79
CA TYR B 241 22.95 -8.52 -34.17
C TYR B 241 24.31 -9.14 -34.09
N LEU B 242 24.41 -10.36 -33.57
CA LEU B 242 25.72 -10.98 -33.39
C LEU B 242 26.36 -11.36 -34.73
N LEU B 243 25.60 -12.01 -35.60
CA LEU B 243 26.14 -12.56 -36.84
C LEU B 243 26.72 -11.47 -37.77
N PRO B 244 26.00 -10.36 -37.99
CA PRO B 244 26.60 -9.31 -38.85
C PRO B 244 27.94 -8.80 -38.32
N LEU B 245 28.04 -8.62 -37.00
CA LEU B 245 29.29 -8.19 -36.34
C LEU B 245 30.43 -9.18 -36.57
N VAL B 246 30.16 -10.45 -36.27
CA VAL B 246 31.16 -11.52 -36.38
C VAL B 246 31.67 -11.71 -37.81
N MET B 247 30.75 -11.72 -38.75
CA MET B 247 31.11 -11.87 -40.15
C MET B 247 31.99 -10.71 -40.63
N GLY B 248 31.63 -9.48 -40.22
CA GLY B 248 32.44 -8.29 -40.50
C GLY B 248 33.85 -8.40 -39.93
N LEU B 249 33.94 -8.89 -38.69
CA LEU B 249 35.22 -9.13 -38.01
C LEU B 249 36.09 -10.15 -38.75
N ILE B 250 35.42 -11.18 -39.25
CA ILE B 250 36.10 -12.28 -39.90
C ILE B 250 36.73 -11.89 -41.25
N VAL B 251 35.97 -11.23 -42.12
CA VAL B 251 36.50 -10.87 -43.45
C VAL B 251 37.55 -9.76 -43.39
N SER B 252 37.52 -9.02 -42.30
CA SER B 252 38.52 -8.01 -41.99
C SER B 252 39.68 -8.58 -41.18
N GLU B 253 39.61 -9.88 -40.88
CA GLU B 253 40.68 -10.60 -40.19
C GLU B 253 41.02 -9.95 -38.85
N ALA B 254 39.98 -9.48 -38.16
CA ALA B 254 40.11 -8.69 -36.94
C ALA B 254 39.41 -9.28 -35.72
N LEU B 255 38.83 -10.47 -35.87
CA LEU B 255 38.04 -11.09 -34.79
C LEU B 255 38.72 -11.15 -33.41
N PRO B 256 39.97 -11.66 -33.34
CA PRO B 256 40.66 -11.79 -32.05
C PRO B 256 40.94 -10.46 -31.34
N THR B 257 40.74 -9.35 -32.04
CA THR B 257 41.11 -8.04 -31.50
C THR B 257 40.07 -7.48 -30.54
N VAL B 258 38.87 -8.05 -30.53
CA VAL B 258 37.77 -7.51 -29.74
C VAL B 258 37.40 -8.40 -28.56
N ASP B 259 36.90 -7.77 -27.51
CA ASP B 259 36.36 -8.47 -26.36
C ASP B 259 35.01 -9.09 -26.77
N MET B 260 35.02 -10.40 -27.01
CA MET B 260 33.86 -11.12 -27.52
C MET B 260 32.73 -11.23 -26.50
N GLY B 261 33.11 -11.36 -25.23
CA GLY B 261 32.13 -11.35 -24.14
C GLY B 261 31.27 -10.08 -24.12
N VAL B 262 31.93 -8.93 -24.16
CA VAL B 262 31.24 -7.65 -24.18
C VAL B 262 30.43 -7.51 -25.48
N THR B 263 31.03 -7.93 -26.59
CA THR B 263 30.38 -7.90 -27.91
C THR B 263 29.07 -8.69 -27.89
N GLU B 264 29.13 -9.93 -27.40
CA GLU B 264 27.94 -10.77 -27.26
C GLU B 264 26.90 -10.18 -26.32
N GLU B 265 27.35 -9.64 -25.18
CA GLU B 265 26.47 -8.88 -24.28
C GLU B 265 25.69 -7.79 -25.01
N LEU B 266 26.42 -6.98 -25.78
CA LEU B 266 25.82 -5.93 -26.58
C LEU B 266 24.83 -6.47 -27.58
N ALA B 267 25.24 -7.48 -28.33
CA ALA B 267 24.39 -8.08 -29.37
C ALA B 267 23.10 -8.65 -28.78
N MET B 268 23.20 -9.32 -27.64
CA MET B 268 22.00 -9.88 -27.00
C MET B 268 21.03 -8.81 -26.52
N LEU B 269 21.58 -7.75 -25.94
CA LEU B 269 20.79 -6.64 -25.44
C LEU B 269 20.06 -5.87 -26.56
N MET B 270 20.78 -5.54 -27.64
CA MET B 270 20.15 -4.84 -28.77
C MET B 270 19.11 -5.72 -29.49
N GLY B 271 19.41 -7.01 -29.59
CA GLY B 271 18.54 -7.98 -30.25
C GLY B 271 17.26 -8.20 -29.47
N GLU B 272 17.36 -8.24 -28.13
CA GLU B 272 16.15 -8.32 -27.30
C GLU B 272 15.23 -7.12 -27.53
N TYR B 273 15.82 -5.92 -27.44
CA TYR B 273 15.14 -4.64 -27.67
C TYR B 273 14.53 -4.58 -29.07
N PHE B 274 15.30 -4.99 -30.08
CA PHE B 274 14.80 -5.09 -31.45
C PHE B 274 13.53 -5.93 -31.53
N GLN B 275 13.54 -7.09 -30.88
CA GLN B 275 12.36 -7.96 -30.90
C GLN B 275 11.21 -7.37 -30.09
N VAL B 276 11.53 -6.72 -28.98
CA VAL B 276 10.51 -6.00 -28.23
C VAL B 276 9.82 -4.95 -29.13
N GLN B 277 10.62 -4.18 -29.88
CA GLN B 277 10.06 -3.25 -30.86
C GLN B 277 9.16 -3.95 -31.85
N ASP B 278 9.62 -5.09 -32.36
CA ASP B 278 8.83 -5.89 -33.32
C ASP B 278 7.47 -6.25 -32.73
N ASP B 279 7.50 -6.69 -31.49
CA ASP B 279 6.29 -7.10 -30.78
C ASP B 279 5.34 -5.94 -30.57
N VAL B 280 5.87 -4.77 -30.19
CA VAL B 280 5.04 -3.58 -29.97
C VAL B 280 4.40 -3.13 -31.30
N MET B 281 5.21 -3.02 -32.33
CA MET B 281 4.75 -2.65 -33.68
C MET B 281 3.66 -3.58 -34.24
N ASP B 282 3.75 -4.86 -33.89
CA ASP B 282 2.75 -5.85 -34.31
C ASP B 282 1.33 -5.44 -33.97
N CYS B 283 1.18 -4.83 -32.80
CA CYS B 283 -0.13 -4.38 -32.33
C CYS B 283 -0.38 -2.91 -32.65
N PHE B 284 0.65 -2.08 -32.50
CA PHE B 284 0.45 -0.63 -32.44
C PHE B 284 0.80 0.16 -33.71
N THR B 285 1.56 -0.44 -34.62
CA THR B 285 1.98 0.27 -35.84
C THR B 285 1.07 -0.12 -37.01
N PRO B 286 0.47 0.88 -37.68
CA PRO B 286 -0.43 0.61 -38.81
C PRO B 286 0.27 -0.12 -39.96
N PRO B 287 -0.44 -1.06 -40.61
CA PRO B 287 0.05 -1.84 -41.75
C PRO B 287 0.75 -1.04 -42.84
N GLU B 288 0.24 0.16 -43.16
CA GLU B 288 0.83 0.99 -44.23
C GLU B 288 2.21 1.58 -43.87
N ARG B 289 2.55 1.58 -42.58
CA ARG B 289 3.89 1.96 -42.17
C ARG B 289 4.71 0.70 -41.83
N LEU B 290 4.07 -0.30 -41.24
CA LEU B 290 4.76 -1.53 -40.86
C LEU B 290 5.10 -2.44 -42.04
N GLY B 291 4.17 -2.54 -42.98
CA GLY B 291 4.35 -3.39 -44.16
C GLY B 291 3.77 -4.79 -43.97
N LYS B 292 3.35 -5.09 -42.75
CA LYS B 292 2.78 -6.39 -42.46
C LYS B 292 1.58 -6.25 -41.52
N VAL B 293 0.64 -7.18 -41.64
CA VAL B 293 -0.49 -7.28 -40.73
C VAL B 293 -0.05 -8.11 -39.51
N GLY B 294 -0.31 -7.58 -38.31
CA GLY B 294 0.07 -8.27 -37.07
C GLY B 294 -0.72 -9.55 -36.86
N THR B 295 -0.06 -10.60 -36.34
CA THR B 295 -0.72 -11.87 -36.06
C THR B 295 -0.45 -12.40 -34.64
N ASP B 296 0.31 -11.67 -33.83
CA ASP B 296 0.73 -12.21 -32.53
C ASP B 296 -0.47 -12.56 -31.64
N ILE B 297 -1.48 -11.70 -31.63
CA ILE B 297 -2.66 -11.91 -30.79
C ILE B 297 -3.38 -13.18 -31.21
N GLN B 298 -3.69 -13.30 -32.50
CA GLN B 298 -4.37 -14.49 -33.05
C GLN B 298 -3.61 -15.77 -32.83
N ASP B 299 -2.29 -15.70 -32.90
CA ASP B 299 -1.42 -16.87 -32.79
C ASP B 299 -1.09 -17.21 -31.33
N ALA B 300 -1.57 -16.37 -30.41
CA ALA B 300 -1.37 -16.57 -28.97
C ALA B 300 0.10 -16.54 -28.60
N LYS B 301 0.84 -15.66 -29.27
CA LYS B 301 2.29 -15.60 -29.07
C LYS B 301 2.64 -15.08 -27.68
N CYS B 302 3.75 -15.58 -27.15
CA CYS B 302 4.35 -15.01 -25.97
C CYS B 302 5.14 -13.74 -26.33
N SER B 303 4.42 -12.68 -26.68
CA SER B 303 5.01 -11.40 -27.04
C SER B 303 5.39 -10.59 -25.82
N TRP B 304 6.17 -9.53 -26.05
CA TRP B 304 6.49 -8.60 -24.96
C TRP B 304 5.21 -7.94 -24.42
N LEU B 305 4.27 -7.65 -25.32
CA LEU B 305 3.01 -7.02 -24.91
C LEU B 305 2.26 -7.91 -23.92
N ALA B 306 2.11 -9.18 -24.28
CA ALA B 306 1.41 -10.18 -23.48
C ALA B 306 2.05 -10.39 -22.12
N VAL B 307 3.37 -10.55 -22.11
CA VAL B 307 4.09 -10.82 -20.85
C VAL B 307 4.05 -9.64 -19.89
N THR B 308 4.20 -8.43 -20.45
CA THR B 308 4.24 -7.20 -19.67
C THR B 308 2.83 -6.88 -19.16
N PHE B 309 1.84 -7.08 -20.02
CA PHE B 309 0.44 -6.89 -19.67
C PHE B 309 0.05 -7.78 -18.50
N LEU B 310 0.33 -9.09 -18.62
CA LEU B 310 -0.05 -10.06 -17.59
C LEU B 310 0.66 -9.86 -16.24
N ALA B 311 1.86 -9.28 -16.28
CA ALA B 311 2.62 -8.98 -15.06
C ALA B 311 2.06 -7.82 -14.25
N LYS B 312 1.30 -6.94 -14.91
CA LYS B 312 0.88 -5.70 -14.28
C LYS B 312 -0.64 -5.50 -14.23
N ALA B 313 -1.40 -6.21 -15.08
CA ALA B 313 -2.80 -5.87 -15.27
C ALA B 313 -3.64 -6.30 -14.07
N SER B 314 -4.80 -5.65 -13.91
CA SER B 314 -5.76 -6.01 -12.86
C SER B 314 -6.46 -7.34 -13.15
N SER B 315 -7.04 -7.95 -12.12
CA SER B 315 -7.69 -9.24 -12.23
C SER B 315 -8.72 -9.34 -13.35
N ALA B 316 -9.55 -8.31 -13.49
CA ALA B 316 -10.61 -8.33 -14.50
C ALA B 316 -10.04 -8.22 -15.92
N GLN B 317 -8.96 -7.45 -16.04
CA GLN B 317 -8.25 -7.28 -17.31
C GLN B 317 -7.59 -8.59 -17.73
N VAL B 318 -6.92 -9.23 -16.78
CA VAL B 318 -6.33 -10.54 -17.02
C VAL B 318 -7.37 -11.57 -17.48
N ALA B 319 -8.51 -11.60 -16.77
CA ALA B 319 -9.59 -12.53 -17.11
C ALA B 319 -10.14 -12.28 -18.52
N GLU B 320 -10.29 -11.01 -18.89
CA GLU B 320 -10.80 -10.66 -20.23
C GLU B 320 -9.78 -10.97 -21.35
N PHE B 321 -8.50 -10.83 -21.02
CA PHE B 321 -7.41 -11.18 -21.94
C PHE B 321 -7.45 -12.68 -22.23
N LYS B 322 -7.58 -13.47 -21.16
CA LYS B 322 -7.56 -14.93 -21.27
C LYS B 322 -8.73 -15.47 -22.08
N ALA B 323 -9.84 -14.76 -22.03
CA ALA B 323 -11.04 -15.18 -22.74
C ALA B 323 -11.06 -14.74 -24.21
N ASN B 324 -10.15 -13.85 -24.60
CA ASN B 324 -10.14 -13.29 -25.95
C ASN B 324 -8.88 -13.52 -26.75
N TYR B 325 -7.81 -13.93 -26.08
CA TYR B 325 -6.50 -14.10 -26.71
C TYR B 325 -6.43 -15.38 -27.55
N GLY B 326 -5.63 -15.33 -28.62
CA GLY B 326 -5.40 -16.52 -29.44
C GLY B 326 -6.56 -16.93 -30.34
N SER B 327 -7.33 -15.94 -30.79
CA SER B 327 -8.47 -16.17 -31.67
C SER B 327 -8.40 -15.23 -32.86
N GLY B 328 -8.88 -15.67 -34.02
CA GLY B 328 -8.92 -14.84 -35.22
C GLY B 328 -10.10 -13.89 -35.26
N ASP B 329 -11.08 -14.15 -34.38
CA ASP B 329 -12.28 -13.33 -34.25
C ASP B 329 -11.89 -11.86 -34.16
N SER B 330 -12.45 -11.08 -35.10
CA SER B 330 -12.16 -9.65 -35.23
C SER B 330 -12.36 -8.86 -33.94
N GLU B 331 -13.45 -9.14 -33.22
CA GLU B 331 -13.77 -8.38 -32.01
C GLU B 331 -12.99 -8.85 -30.79
N LYS B 332 -12.60 -10.12 -30.77
CA LYS B 332 -11.72 -10.67 -29.73
C LYS B 332 -10.31 -10.08 -29.83
N VAL B 333 -9.80 -9.97 -31.04
CA VAL B 333 -8.53 -9.27 -31.29
C VAL B 333 -8.66 -7.80 -30.89
N ALA B 334 -9.76 -7.16 -31.28
CA ALA B 334 -10.01 -5.77 -30.91
C ALA B 334 -10.06 -5.58 -29.40
N THR B 335 -10.73 -6.50 -28.70
CA THR B 335 -10.75 -6.50 -27.24
C THR B 335 -9.33 -6.53 -26.65
N VAL B 336 -8.47 -7.41 -27.17
CA VAL B 336 -7.10 -7.56 -26.68
C VAL B 336 -6.29 -6.28 -26.92
N ARG B 337 -6.45 -5.71 -28.11
CA ARG B 337 -5.83 -4.44 -28.47
C ARG B 337 -6.25 -3.35 -27.47
N ARG B 338 -7.54 -3.34 -27.14
CA ARG B 338 -8.08 -2.35 -26.19
C ARG B 338 -7.44 -2.49 -24.81
N LEU B 339 -7.34 -3.72 -24.32
CA LEU B 339 -6.71 -4.01 -23.04
C LEU B 339 -5.27 -3.55 -22.96
N TYR B 340 -4.50 -3.78 -24.03
CA TYR B 340 -3.12 -3.32 -24.12
C TYR B 340 -3.05 -1.79 -24.03
N GLU B 341 -3.96 -1.13 -24.75
CA GLU B 341 -4.06 0.32 -24.76
C GLU B 341 -4.41 0.82 -23.36
N GLU B 342 -5.41 0.21 -22.74
CA GLU B 342 -5.84 0.55 -21.37
C GLU B 342 -4.75 0.35 -20.32
N ALA B 343 -3.89 -0.65 -20.52
CA ALA B 343 -2.81 -0.95 -19.59
C ALA B 343 -1.58 -0.04 -19.75
N ASP B 344 -1.68 0.93 -20.66
CA ASP B 344 -0.56 1.81 -21.00
C ASP B 344 0.75 1.04 -21.18
N LEU B 345 0.72 0.06 -22.09
CA LEU B 345 1.93 -0.70 -22.37
C LEU B 345 2.92 0.13 -23.16
N GLN B 346 2.42 0.97 -24.07
CA GLN B 346 3.28 1.89 -24.82
C GLN B 346 4.14 2.72 -23.86
N GLY B 347 3.56 3.07 -22.71
CA GLY B 347 4.26 3.75 -21.64
C GLY B 347 5.40 2.92 -21.07
N ASP B 348 5.10 1.67 -20.69
CA ASP B 348 6.10 0.72 -20.21
C ASP B 348 7.27 0.54 -21.19
N TYR B 349 6.93 0.54 -22.48
CA TYR B 349 7.93 0.42 -23.53
C TYR B 349 8.96 1.54 -23.47
N VAL B 350 8.48 2.78 -23.37
CA VAL B 350 9.36 3.96 -23.31
C VAL B 350 10.34 3.85 -22.14
N ALA B 351 9.86 3.32 -21.02
CA ALA B 351 10.70 3.11 -19.85
C ALA B 351 11.67 1.95 -20.04
N TYR B 352 11.21 0.87 -20.69
CA TYR B 352 12.10 -0.23 -21.04
C TYR B 352 13.18 0.28 -22.01
N GLU B 353 12.76 1.08 -22.98
CA GLU B 353 13.67 1.65 -23.97
C GLU B 353 14.80 2.47 -23.32
N ALA B 354 14.43 3.35 -22.38
CA ALA B 354 15.41 4.18 -21.66
C ALA B 354 16.42 3.33 -20.88
N ALA B 355 15.96 2.26 -20.26
CA ALA B 355 16.83 1.34 -19.51
C ALA B 355 17.82 0.60 -20.42
N VAL B 356 17.35 0.14 -21.58
CA VAL B 356 18.19 -0.52 -22.56
C VAL B 356 19.30 0.43 -23.04
N ALA B 357 18.89 1.63 -23.44
CA ALA B 357 19.80 2.67 -23.95
C ALA B 357 20.93 2.98 -22.96
N GLU B 358 20.58 3.05 -21.67
CA GLU B 358 21.56 3.23 -20.61
C GLU B 358 22.63 2.14 -20.62
N GLN B 359 22.21 0.87 -20.63
CA GLN B 359 23.13 -0.27 -20.64
C GLN B 359 23.93 -0.39 -21.96
N VAL B 360 23.30 -0.02 -23.07
CA VAL B 360 23.98 0.01 -24.38
C VAL B 360 25.16 0.99 -24.32
N LYS B 361 24.89 2.19 -23.80
CA LYS B 361 25.90 3.24 -23.67
C LYS B 361 27.15 2.76 -22.91
N GLU B 362 26.95 2.14 -21.75
CA GLU B 362 28.09 1.71 -20.93
C GLU B 362 28.86 0.53 -21.53
N LEU B 363 28.15 -0.37 -22.21
CA LEU B 363 28.80 -1.50 -22.88
C LEU B 363 29.60 -1.05 -24.11
N ILE B 364 29.06 -0.10 -24.87
CA ILE B 364 29.81 0.49 -26.00
C ILE B 364 31.09 1.17 -25.49
N GLU B 365 30.97 1.96 -24.43
CA GLU B 365 32.15 2.56 -23.80
C GLU B 365 33.20 1.53 -23.34
N LYS B 366 32.75 0.40 -22.78
CA LYS B 366 33.65 -0.71 -22.44
C LYS B 366 34.43 -1.24 -23.65
N LEU B 367 33.72 -1.40 -24.78
CA LEU B 367 34.32 -1.91 -25.99
C LEU B 367 35.30 -0.90 -26.58
N ARG B 368 34.98 0.38 -26.42
CA ARG B 368 35.76 1.47 -27.00
C ARG B 368 37.15 1.57 -26.37
N LEU B 369 37.26 1.17 -25.11
CA LEU B 369 38.55 1.16 -24.40
C LEU B 369 39.64 0.43 -25.19
N CYS B 370 39.30 -0.73 -25.76
CA CYS B 370 40.29 -1.54 -26.49
C CYS B 370 40.04 -1.62 -28.00
N SER B 371 38.79 -1.41 -28.42
CA SER B 371 38.39 -1.52 -29.82
C SER B 371 37.59 -0.30 -30.26
N PRO B 372 38.28 0.86 -30.42
CA PRO B 372 37.54 2.09 -30.69
C PRO B 372 36.81 2.09 -32.03
N GLY B 373 37.44 1.53 -33.05
CA GLY B 373 36.83 1.44 -34.40
C GLY B 373 35.62 0.53 -34.42
N PHE B 374 35.75 -0.63 -33.77
CA PHE B 374 34.62 -1.56 -33.67
C PHE B 374 33.44 -0.96 -32.92
N ALA B 375 33.72 -0.26 -31.82
CA ALA B 375 32.67 0.40 -31.03
C ALA B 375 31.93 1.46 -31.84
N ALA B 376 32.67 2.15 -32.72
CA ALA B 376 32.04 3.13 -33.59
C ALA B 376 31.02 2.42 -34.49
N SER B 377 31.39 1.27 -35.03
CA SER B 377 30.46 0.49 -35.84
C SER B 377 29.28 -0.07 -35.03
N VAL B 378 29.53 -0.48 -33.79
CA VAL B 378 28.45 -0.92 -32.92
C VAL B 378 27.48 0.22 -32.63
N GLU B 379 28.01 1.42 -32.37
CA GLU B 379 27.19 2.61 -32.15
C GLU B 379 26.27 2.90 -33.35
N THR B 380 26.80 2.77 -34.56
CA THR B 380 25.99 2.96 -35.76
C THR B 380 24.85 1.93 -35.83
N LEU B 381 25.17 0.68 -35.51
CA LEU B 381 24.15 -0.38 -35.51
C LEU B 381 23.05 -0.04 -34.50
N TRP B 382 23.46 0.46 -33.33
CA TRP B 382 22.52 0.91 -32.32
C TRP B 382 21.65 2.06 -32.82
N GLY B 383 22.27 2.99 -33.55
CA GLY B 383 21.55 4.13 -34.14
C GLY B 383 20.49 3.72 -35.15
N LYS B 384 20.73 2.63 -35.86
CA LYS B 384 19.74 2.09 -36.80
C LYS B 384 18.59 1.36 -36.08
N THR B 385 18.74 1.13 -34.78
CA THR B 385 17.81 0.33 -33.98
C THR B 385 16.97 1.18 -33.04
N TYR B 386 17.64 2.01 -32.25
CA TYR B 386 17.00 2.87 -31.24
C TYR B 386 15.96 3.80 -31.86
N LYS B 387 14.74 3.75 -31.33
CA LYS B 387 13.61 4.57 -31.81
C LYS B 387 13.26 4.41 -33.30
N ARG B 388 13.58 3.24 -33.87
CA ARG B 388 13.16 2.92 -35.24
C ARG B 388 11.62 2.89 -35.30
N GLN B 389 11.07 3.37 -36.40
CA GLN B 389 9.60 3.37 -36.58
C GLN B 389 9.22 2.32 -37.62
N LYS B 390 10.22 1.52 -37.99
CA LYS B 390 10.29 0.63 -39.17
C LYS B 390 9.17 0.55 -40.18
N MET C 24 4.40 -3.32 -10.99
CA MET C 24 3.82 -1.96 -11.19
C MET C 24 2.82 -1.53 -10.09
N PRO C 25 1.86 -2.42 -9.71
CA PRO C 25 0.93 -1.97 -8.67
C PRO C 25 1.68 -1.67 -7.38
N MET C 26 2.60 -2.55 -7.00
CA MET C 26 3.46 -2.34 -5.84
C MET C 26 4.30 -1.05 -5.98
N GLN C 27 4.83 -0.83 -7.18
CA GLN C 27 5.61 0.39 -7.49
C GLN C 27 4.81 1.67 -7.30
N MET C 28 3.62 1.75 -7.87
CA MET C 28 2.80 2.95 -7.70
C MET C 28 2.33 3.12 -6.24
N PHE C 29 2.04 2.00 -5.58
CA PHE C 29 1.59 2.02 -4.18
C PHE C 29 2.65 2.65 -3.28
N MET C 30 3.92 2.28 -3.49
CA MET C 30 5.02 2.80 -2.70
C MET C 30 5.36 4.26 -3.01
N GLN C 31 5.13 4.68 -4.25
CA GLN C 31 5.29 6.08 -4.62
C GLN C 31 4.23 6.95 -3.91
N VAL C 32 3.01 6.45 -3.79
CA VAL C 32 1.96 7.19 -3.08
C VAL C 32 2.27 7.26 -1.57
N TYR C 33 2.88 6.21 -1.02
CA TYR C 33 3.32 6.26 0.38
C TYR C 33 4.24 7.46 0.61
N ASP C 34 5.20 7.63 -0.30
CA ASP C 34 6.13 8.77 -0.25
C ASP C 34 5.40 10.10 -0.25
N GLU C 35 4.42 10.26 -1.14
CA GLU C 35 3.65 11.49 -1.21
C GLU C 35 2.89 11.71 0.08
N ILE C 36 2.28 10.64 0.60
CA ILE C 36 1.51 10.72 1.84
C ILE C 36 2.42 11.16 2.98
N GLN C 37 3.53 10.44 3.16
CA GLN C 37 4.50 10.75 4.22
C GLN C 37 5.03 12.17 4.11
N MET C 38 5.33 12.61 2.89
CA MET C 38 5.84 13.97 2.71
C MET C 38 4.79 15.01 3.13
N PHE C 39 3.55 14.83 2.68
CA PHE C 39 2.50 15.75 3.09
C PHE C 39 2.38 15.84 4.62
N LEU C 40 2.34 14.69 5.26
CA LEU C 40 2.10 14.62 6.71
C LEU C 40 3.23 15.23 7.52
N LEU C 41 4.46 14.81 7.24
CA LEU C 41 5.62 15.29 7.98
C LEU C 41 5.92 16.77 7.77
N GLU C 42 5.77 17.25 6.53
CA GLU C 42 6.03 18.66 6.24
C GLU C 42 5.00 19.58 6.87
N GLU C 43 3.78 19.10 7.05
CA GLU C 43 2.73 19.84 7.76
C GLU C 43 3.13 20.08 9.23
N LEU C 44 3.56 19.02 9.90
CA LEU C 44 3.88 19.06 11.34
C LEU C 44 4.91 20.14 11.66
N GLU C 45 5.94 20.20 10.83
CA GLU C 45 6.95 21.24 10.91
C GLU C 45 6.29 22.60 10.85
N LEU C 46 5.53 22.81 9.79
CA LEU C 46 5.01 24.14 9.49
C LEU C 46 3.77 24.55 10.29
N LYS C 47 2.98 23.58 10.76
CA LYS C 47 1.66 23.85 11.37
C LYS C 47 1.51 23.44 12.84
N PHE C 48 2.42 22.59 13.32
CA PHE C 48 2.35 22.06 14.67
C PHE C 48 3.58 22.42 15.50
N ASP C 49 4.40 23.33 14.99
CA ASP C 49 5.60 23.81 15.71
C ASP C 49 6.51 22.64 16.08
N MET C 50 6.55 21.61 15.24
CA MET C 50 7.29 20.42 15.60
C MET C 50 8.78 20.55 15.26
N ASP C 51 9.61 20.21 16.25
CA ASP C 51 11.07 20.19 16.09
C ASP C 51 11.55 19.01 15.26
N PRO C 52 12.73 19.16 14.63
CA PRO C 52 13.27 18.10 13.79
C PRO C 52 13.37 16.73 14.47
N ASN C 53 13.67 16.68 15.77
CA ASN C 53 13.80 15.40 16.46
C ASN C 53 12.49 14.60 16.52
N ARG C 54 11.39 15.30 16.77
CA ARG C 54 10.07 14.66 16.84
C ARG C 54 9.53 14.32 15.45
N VAL C 55 9.81 15.16 14.45
CA VAL C 55 9.51 14.81 13.07
C VAL C 55 10.23 13.52 12.66
N ARG C 56 11.51 13.41 13.03
CA ARG C 56 12.28 12.18 12.80
C ARG C 56 11.67 10.99 13.55
N TYR C 57 11.31 11.18 14.79
CA TYR C 57 10.64 10.14 15.58
C TYR C 57 9.38 9.65 14.85
N LEU C 58 8.53 10.57 14.40
CA LEU C 58 7.28 10.17 13.75
C LEU C 58 7.51 9.55 12.38
N ARG C 59 8.54 9.99 11.68
CA ARG C 59 8.88 9.35 10.40
C ARG C 59 9.24 7.89 10.66
N LYS C 60 10.09 7.64 11.66
CA LYS C 60 10.46 6.28 12.05
C LYS C 60 9.24 5.45 12.54
N MET C 61 8.36 6.07 13.33
CA MET C 61 7.12 5.40 13.77
C MET C 61 6.24 4.99 12.58
N MET C 62 5.98 5.93 11.68
CA MET C 62 5.21 5.64 10.48
C MET C 62 5.83 4.46 9.72
N ASP C 63 7.14 4.54 9.45
CA ASP C 63 7.81 3.53 8.65
C ASP C 63 7.77 2.17 9.35
N THR C 64 8.03 2.17 10.66
CA THR C 64 8.11 0.91 11.40
C THR C 64 6.73 0.23 11.52
N THR C 65 5.68 1.03 11.64
CA THR C 65 4.33 0.49 11.89
C THR C 65 3.53 0.20 10.62
N CYS C 66 3.76 0.98 9.56
CA CYS C 66 3.01 0.85 8.30
C CYS C 66 3.69 0.04 7.18
N LEU C 67 5.03 -0.09 7.26
CA LEU C 67 5.76 -0.84 6.23
C LEU C 67 6.24 -2.19 6.73
N GLY C 68 6.47 -3.11 5.80
CA GLY C 68 7.06 -4.42 6.14
C GLY C 68 6.11 -5.59 6.04
N GLY C 69 4.81 -5.32 5.91
CA GLY C 69 3.83 -6.37 5.69
C GLY C 69 3.66 -6.64 4.20
N LYS C 70 2.62 -7.38 3.84
CA LYS C 70 2.40 -7.78 2.45
C LYS C 70 1.58 -6.78 1.65
N TYR C 71 0.92 -5.87 2.38
CA TYR C 71 0.05 -4.84 1.78
C TYR C 71 -1.12 -5.44 1.01
N ASN C 72 -1.59 -6.60 1.45
CA ASN C 72 -2.71 -7.24 0.75
C ASN C 72 -4.00 -6.46 0.78
N ARG C 73 -4.26 -5.77 1.88
CA ARG C 73 -5.44 -4.92 1.97
C ARG C 73 -5.27 -3.77 0.97
N GLY C 74 -4.15 -3.06 1.08
CA GLY C 74 -3.87 -1.94 0.18
C GLY C 74 -3.93 -2.35 -1.28
N LEU C 75 -3.18 -3.39 -1.62
CA LEU C 75 -3.11 -3.89 -3.01
C LEU C 75 -4.44 -4.39 -3.56
N THR C 76 -5.31 -4.90 -2.69
CA THR C 76 -6.66 -5.30 -3.09
C THR C 76 -7.48 -4.10 -3.57
N VAL C 77 -7.38 -2.98 -2.87
CA VAL C 77 -8.14 -1.78 -3.25
C VAL C 77 -7.81 -1.39 -4.70
N ILE C 78 -6.51 -1.37 -5.00
CA ILE C 78 -6.03 -1.09 -6.35
C ILE C 78 -6.58 -2.10 -7.37
N ASP C 79 -6.46 -3.38 -7.05
CA ASP C 79 -6.91 -4.42 -7.96
C ASP C 79 -8.39 -4.29 -8.29
N VAL C 80 -9.21 -4.08 -7.26
CA VAL C 80 -10.66 -3.87 -7.41
C VAL C 80 -11.03 -2.61 -8.22
N ALA C 81 -10.42 -1.47 -7.88
CA ALA C 81 -10.64 -0.22 -8.59
C ALA C 81 -10.34 -0.34 -10.09
N GLU C 82 -9.15 -0.83 -10.42
CA GLU C 82 -8.76 -1.01 -11.82
C GLU C 82 -9.64 -2.04 -12.55
N SER C 83 -9.93 -3.15 -11.87
CA SER C 83 -10.86 -4.16 -12.42
C SER C 83 -12.22 -3.61 -12.85
N LEU C 84 -12.69 -2.56 -12.19
CA LEU C 84 -14.06 -2.15 -12.40
C LEU C 84 -14.31 -0.90 -13.23
N LEU C 85 -13.26 -0.16 -13.60
CA LEU C 85 -13.47 1.06 -14.37
C LEU C 85 -13.86 0.82 -15.84
N SER C 86 -13.65 -0.40 -16.32
CA SER C 86 -13.91 -0.77 -17.72
C SER C 86 -15.35 -1.24 -17.92
N ASP C 97 -8.89 7.81 -23.33
CA ASP C 97 -9.09 8.39 -22.00
C ASP C 97 -8.29 7.65 -20.93
N GLY C 98 -7.04 8.06 -20.74
CA GLY C 98 -6.16 7.46 -19.75
C GLY C 98 -6.01 8.32 -18.51
N ALA C 99 -6.63 9.51 -18.55
CA ALA C 99 -6.61 10.44 -17.43
C ALA C 99 -7.42 9.90 -16.25
N ARG C 100 -8.61 9.36 -16.54
CA ARG C 100 -9.48 8.79 -15.52
C ARG C 100 -8.86 7.57 -14.87
N ARG C 101 -8.14 6.77 -15.67
CA ARG C 101 -7.44 5.61 -15.12
C ARG C 101 -6.38 6.05 -14.13
N LYS C 102 -5.58 7.05 -14.50
CA LYS C 102 -4.56 7.62 -13.62
C LYS C 102 -5.18 8.07 -12.29
N ARG C 103 -6.28 8.81 -12.39
CA ARG C 103 -6.98 9.35 -11.22
C ARG C 103 -7.52 8.25 -10.30
N VAL C 104 -8.23 7.28 -10.89
CA VAL C 104 -8.84 6.21 -10.11
C VAL C 104 -7.76 5.42 -9.38
N LEU C 105 -6.68 5.12 -10.09
CA LEU C 105 -5.56 4.38 -9.54
C LEU C 105 -4.87 5.14 -8.42
N HIS C 106 -4.71 6.45 -8.56
CA HIS C 106 -4.11 7.24 -7.49
C HIS C 106 -5.04 7.27 -6.26
N ASP C 107 -6.34 7.47 -6.49
CA ASP C 107 -7.33 7.40 -5.41
C ASP C 107 -7.32 6.05 -4.71
N ALA C 108 -7.22 4.97 -5.48
CA ALA C 108 -7.15 3.62 -4.93
C ALA C 108 -5.92 3.40 -4.05
N CYS C 109 -4.77 3.96 -4.47
CA CYS C 109 -3.54 3.91 -3.66
C CYS C 109 -3.71 4.63 -2.32
N VAL C 110 -4.39 5.77 -2.34
CA VAL C 110 -4.62 6.56 -1.12
C VAL C 110 -5.55 5.77 -0.18
N CYS C 111 -6.63 5.22 -0.72
CA CYS C 111 -7.56 4.36 0.03
C CYS C 111 -6.87 3.16 0.64
N GLY C 112 -6.00 2.53 -0.15
CA GLY C 112 -5.20 1.42 0.30
C GLY C 112 -4.33 1.77 1.50
N TRP C 113 -3.63 2.91 1.42
CA TRP C 113 -2.82 3.36 2.56
C TRP C 113 -3.69 3.75 3.76
N MET C 114 -4.85 4.33 3.51
CA MET C 114 -5.81 4.53 4.63
C MET C 114 -6.04 3.25 5.40
N ILE C 115 -6.27 2.13 4.69
CA ILE C 115 -6.51 0.83 5.33
C ILE C 115 -5.24 0.30 6.01
N GLU C 116 -4.10 0.45 5.35
CA GLU C 116 -2.83 0.03 5.94
C GLU C 116 -2.49 0.82 7.21
N PHE C 117 -2.78 2.12 7.21
CA PHE C 117 -2.57 2.95 8.38
C PHE C 117 -3.58 2.58 9.50
N LEU C 118 -4.83 2.31 9.12
CA LEU C 118 -5.83 1.88 10.12
C LEU C 118 -5.39 0.59 10.75
N GLN C 119 -4.92 -0.35 9.92
CA GLN C 119 -4.34 -1.57 10.44
C GLN C 119 -3.17 -1.31 11.36
N ALA C 120 -2.24 -0.47 10.92
CA ALA C 120 -1.06 -0.15 11.72
C ALA C 120 -1.50 0.36 13.08
N HIS C 121 -2.51 1.23 13.08
CA HIS C 121 -3.12 1.71 14.32
C HIS C 121 -3.59 0.54 15.20
N TYR C 122 -4.41 -0.35 14.65
CA TYR C 122 -4.90 -1.49 15.44
C TYR C 122 -3.78 -2.40 15.94
N LEU C 123 -2.77 -2.62 15.12
CA LEU C 123 -1.65 -3.50 15.54
C LEU C 123 -0.79 -2.90 16.66
N VAL C 124 -0.55 -1.60 16.63
CA VAL C 124 0.16 -0.95 17.74
C VAL C 124 -0.60 -1.16 19.08
N GLU C 125 -1.90 -0.87 19.07
CA GLU C 125 -2.74 -1.01 20.27
C GLU C 125 -2.90 -2.47 20.68
N ASP C 126 -3.14 -3.33 19.69
CA ASP C 126 -3.32 -4.76 19.91
C ASP C 126 -2.08 -5.39 20.57
N ASP C 127 -0.89 -5.01 20.10
CA ASP C 127 0.34 -5.60 20.67
C ASP C 127 0.50 -5.28 22.14
N ILE C 128 0.16 -4.05 22.54
CA ILE C 128 0.14 -3.64 23.94
C ILE C 128 -0.93 -4.45 24.71
N MET C 129 -2.13 -4.53 24.11
CA MET C 129 -3.25 -5.28 24.70
C MET C 129 -2.95 -6.77 24.87
N ASP C 130 -2.26 -7.34 23.89
CA ASP C 130 -1.94 -8.77 23.90
C ASP C 130 -0.58 -9.10 24.50
N ASN C 131 0.14 -8.08 24.97
CA ASN C 131 1.46 -8.25 25.59
C ASN C 131 2.42 -8.97 24.66
N SER C 132 2.41 -8.57 23.38
CA SER C 132 3.19 -9.27 22.39
C SER C 132 4.63 -8.79 22.44
N VAL C 133 5.52 -9.56 21.84
CA VAL C 133 6.96 -9.33 21.94
C VAL C 133 7.51 -8.78 20.62
N THR C 134 7.23 -9.49 19.53
CA THR C 134 7.73 -9.09 18.21
C THR C 134 6.59 -8.99 17.20
N ARG C 135 6.85 -8.27 16.10
CA ARG C 135 5.97 -8.23 14.93
C ARG C 135 6.84 -8.00 13.70
N ARG C 136 6.55 -8.73 12.62
CA ARG C 136 7.30 -8.68 11.37
C ARG C 136 8.83 -8.79 11.59
N GLY C 137 9.21 -9.64 12.52
CA GLY C 137 10.62 -9.90 12.80
C GLY C 137 11.37 -8.88 13.64
N LYS C 138 10.68 -7.79 14.01
CA LYS C 138 11.27 -6.71 14.83
C LYS C 138 10.47 -6.60 16.13
N PRO C 139 10.98 -5.84 17.13
CA PRO C 139 10.17 -5.59 18.32
C PRO C 139 8.84 -4.93 17.98
N CYS C 140 7.80 -5.27 18.74
CA CYS C 140 6.56 -4.52 18.71
C CYS C 140 6.91 -3.06 18.94
N TRP C 141 6.09 -2.15 18.42
CA TRP C 141 6.36 -0.73 18.62
C TRP C 141 6.56 -0.36 20.09
N TYR C 142 5.67 -0.82 20.97
CA TYR C 142 5.79 -0.49 22.38
C TYR C 142 6.98 -1.20 23.05
N ARG C 143 7.56 -2.17 22.37
CA ARG C 143 8.72 -2.90 22.87
C ARG C 143 10.07 -2.35 22.35
N HIS C 144 10.03 -1.31 21.54
CA HIS C 144 11.29 -0.69 21.10
C HIS C 144 11.99 -0.07 22.30
N PRO C 145 13.33 -0.21 22.37
CA PRO C 145 14.02 0.31 23.55
C PRO C 145 13.75 1.78 23.81
N ASP C 146 13.55 2.61 22.78
CA ASP C 146 13.29 4.03 23.05
C ASP C 146 11.85 4.51 22.96
N VAL C 147 10.91 3.57 23.01
CA VAL C 147 9.50 3.91 23.04
C VAL C 147 8.95 3.54 24.41
N THR C 148 8.26 4.48 25.06
CA THR C 148 7.53 4.16 26.29
C THR C 148 6.16 3.60 25.91
N VAL C 149 5.58 2.77 26.79
CA VAL C 149 4.23 2.26 26.55
C VAL C 149 3.25 3.41 26.42
N GLN C 150 3.39 4.41 27.28
CA GLN C 150 2.49 5.57 27.25
C GLN C 150 2.60 6.35 25.93
N CYS C 151 3.82 6.53 25.42
CA CYS C 151 3.97 7.10 24.07
C CYS C 151 3.38 6.20 22.99
N ALA C 152 3.64 4.90 23.06
CA ALA C 152 3.13 3.94 22.08
C ALA C 152 1.59 3.99 21.95
N ILE C 153 0.90 4.04 23.08
CA ILE C 153 -0.57 4.19 23.04
C ILE C 153 -0.94 5.40 22.20
N ASN C 154 -0.31 6.53 22.48
CA ASN C 154 -0.63 7.74 21.74
C ASN C 154 -0.18 7.70 20.28
N ASP C 155 1.00 7.11 20.01
CA ASP C 155 1.45 6.86 18.63
C ASP C 155 0.42 6.09 17.82
N GLY C 156 -0.17 5.04 18.40
CA GLY C 156 -1.29 4.36 17.77
C GLY C 156 -2.41 5.31 17.37
N LEU C 157 -2.75 6.26 18.24
CA LEU C 157 -3.79 7.24 17.95
C LEU C 157 -3.42 8.16 16.78
N LEU C 158 -2.13 8.54 16.74
CA LEU C 158 -1.63 9.37 15.65
C LEU C 158 -1.83 8.66 14.33
N LEU C 159 -1.56 7.36 14.29
CA LEU C 159 -1.76 6.55 13.07
C LEU C 159 -3.19 6.58 12.53
N LYS C 160 -4.17 6.50 13.44
CA LYS C 160 -5.56 6.58 13.03
C LYS C 160 -5.92 7.97 12.52
N SER C 161 -5.48 9.00 13.23
CA SER C 161 -5.64 10.40 12.78
C SER C 161 -5.12 10.64 11.37
N TRP C 162 -3.96 10.07 11.08
CA TRP C 162 -3.38 10.17 9.74
C TRP C 162 -4.30 9.64 8.63
N THR C 163 -5.11 8.62 8.89
CA THR C 163 -6.08 8.14 7.89
C THR C 163 -7.04 9.26 7.52
N HIS C 164 -7.48 10.02 8.51
CA HIS C 164 -8.40 11.15 8.26
C HIS C 164 -7.72 12.32 7.57
N MET C 165 -6.47 12.58 7.98
CA MET C 165 -5.69 13.64 7.38
C MET C 165 -5.39 13.40 5.90
N MET C 166 -4.99 12.18 5.55
CA MET C 166 -4.71 11.86 4.16
C MET C 166 -5.97 11.87 3.30
N ALA C 167 -7.08 11.40 3.87
CA ALA C 167 -8.35 11.39 3.18
C ALA C 167 -8.75 12.79 2.77
N MET C 168 -8.68 13.74 3.71
CA MET C 168 -9.08 15.11 3.44
C MET C 168 -8.12 15.79 2.44
N HIS C 169 -6.84 15.50 2.56
CA HIS C 169 -5.86 16.10 1.67
C HIS C 169 -6.07 15.70 0.22
N PHE C 170 -6.34 14.42 -0.02
CA PHE C 170 -6.53 13.90 -1.38
C PHE C 170 -7.98 13.95 -1.91
N PHE C 171 -8.97 13.85 -1.03
CA PHE C 171 -10.36 13.66 -1.47
C PHE C 171 -11.35 14.80 -1.17
N ALA C 172 -10.86 15.94 -0.70
CA ALA C 172 -11.74 17.04 -0.28
C ALA C 172 -12.75 17.43 -1.37
N ASP C 173 -12.37 17.22 -2.63
CA ASP C 173 -13.22 17.62 -3.73
C ASP C 173 -13.91 16.45 -4.45
N ARG C 174 -13.81 15.25 -3.89
CA ARG C 174 -14.45 14.06 -4.48
C ARG C 174 -15.88 13.91 -3.99
N PRO C 175 -16.83 13.68 -4.92
CA PRO C 175 -18.23 13.50 -4.51
C PRO C 175 -18.44 12.25 -3.66
N PHE C 176 -17.53 11.28 -3.77
CA PHE C 176 -17.63 10.06 -2.98
C PHE C 176 -17.09 10.17 -1.55
N LEU C 177 -16.59 11.34 -1.15
CA LEU C 177 -15.94 11.48 0.15
C LEU C 177 -16.82 11.06 1.32
N GLN C 178 -18.06 11.55 1.35
CA GLN C 178 -18.93 11.24 2.49
C GLN C 178 -19.22 9.75 2.60
N ASP C 179 -19.55 9.12 1.49
CA ASP C 179 -19.84 7.68 1.48
C ASP C 179 -18.60 6.87 1.85
N LEU C 180 -17.45 7.27 1.30
CA LEU C 180 -16.17 6.64 1.59
C LEU C 180 -15.89 6.59 3.10
N LEU C 181 -15.93 7.76 3.72
CA LEU C 181 -15.59 7.90 5.14
C LEU C 181 -16.66 7.33 6.06
N CYS C 182 -17.92 7.46 5.66
CA CYS C 182 -19.03 6.81 6.36
C CYS C 182 -18.75 5.31 6.51
N ARG C 183 -18.42 4.63 5.40
CA ARG C 183 -18.09 3.20 5.43
C ARG C 183 -16.77 2.88 6.15
N PHE C 184 -15.75 3.69 5.88
CA PHE C 184 -14.44 3.53 6.53
C PHE C 184 -14.61 3.61 8.06
N ASN C 185 -15.34 4.62 8.53
CA ASN C 185 -15.56 4.83 9.97
C ASN C 185 -16.40 3.72 10.61
N ARG C 186 -17.39 3.21 9.87
CA ARG C 186 -18.19 2.10 10.34
C ARG C 186 -17.35 0.83 10.51
N VAL C 187 -16.44 0.58 9.58
CA VAL C 187 -15.56 -0.59 9.70
C VAL C 187 -14.55 -0.41 10.84
N ASP C 188 -14.01 0.80 10.99
CA ASP C 188 -13.17 1.14 12.15
C ASP C 188 -13.92 0.76 13.44
N TYR C 189 -15.13 1.30 13.57
CA TYR C 189 -16.03 0.96 14.68
C TYR C 189 -16.20 -0.55 14.85
N THR C 190 -16.52 -1.27 13.77
CA THR C 190 -16.73 -2.70 13.86
C THR C 190 -15.52 -3.44 14.41
N THR C 191 -14.33 -3.01 13.97
CA THR C 191 -13.08 -3.59 14.43
C THR C 191 -12.91 -3.43 15.96
N ALA C 192 -13.21 -2.24 16.48
CA ALA C 192 -13.06 -1.95 17.93
C ALA C 192 -14.09 -2.77 18.70
N VAL C 193 -15.25 -2.98 18.11
CA VAL C 193 -16.28 -3.85 18.73
C VAL C 193 -15.77 -5.30 18.77
N GLY C 194 -15.15 -5.73 17.67
CA GLY C 194 -14.50 -7.04 17.61
C GLY C 194 -13.38 -7.22 18.62
N GLN C 195 -12.58 -6.18 18.79
CA GLN C 195 -11.52 -6.20 19.79
C GLN C 195 -12.06 -6.34 21.22
N LEU C 196 -13.21 -5.74 21.51
CA LEU C 196 -13.90 -5.95 22.79
C LEU C 196 -14.29 -7.42 22.99
N TYR C 197 -14.91 -8.00 21.97
CA TYR C 197 -15.21 -9.44 21.99
C TYR C 197 -13.96 -10.27 22.26
N ASP C 198 -12.86 -9.90 21.62
CA ASP C 198 -11.61 -10.62 21.75
C ASP C 198 -11.05 -10.57 23.19
N VAL C 199 -11.07 -9.39 23.78
CA VAL C 199 -10.39 -9.19 25.03
C VAL C 199 -11.24 -9.58 26.26
N THR C 200 -12.54 -9.75 26.05
CA THR C 200 -13.47 -10.16 27.11
C THR C 200 -13.92 -11.62 27.00
N SER C 201 -13.22 -12.40 26.17
CA SER C 201 -13.69 -13.74 25.80
C SER C 201 -13.33 -14.83 26.80
N MET C 202 -12.36 -14.57 27.67
CA MET C 202 -11.95 -15.52 28.71
C MET C 202 -12.73 -15.27 29.99
N PHE C 203 -13.59 -14.27 29.96
CA PHE C 203 -14.37 -13.91 31.13
C PHE C 203 -15.79 -14.40 30.94
N ASP C 204 -16.30 -15.10 31.95
CA ASP C 204 -17.72 -15.46 31.99
C ASP C 204 -18.48 -14.15 31.80
N SER C 205 -19.22 -14.04 30.70
CA SER C 205 -19.85 -12.78 30.32
C SER C 205 -20.98 -12.43 31.29
N ASN C 206 -21.45 -13.46 31.98
CA ASN C 206 -22.44 -13.31 33.03
C ASN C 206 -21.90 -12.50 34.21
N LYS C 207 -20.59 -12.57 34.42
CA LYS C 207 -19.92 -11.94 35.56
C LYS C 207 -19.18 -10.64 35.17
N LEU C 208 -19.59 -10.05 34.05
CA LEU C 208 -19.00 -8.84 33.52
C LEU C 208 -19.68 -7.65 34.15
N ASP C 209 -18.93 -6.89 34.95
CA ASP C 209 -19.43 -5.72 35.67
C ASP C 209 -18.22 -4.88 36.03
N PRO C 210 -18.15 -3.64 35.51
CA PRO C 210 -16.97 -2.77 35.71
C PRO C 210 -16.62 -2.54 37.19
N ASP C 211 -17.64 -2.57 38.03
CA ASP C 211 -17.49 -2.27 39.44
C ASP C 211 -17.15 -3.49 40.30
N VAL C 212 -16.67 -4.59 39.71
CA VAL C 212 -16.48 -5.89 40.45
C VAL C 212 -15.09 -6.60 40.43
N SER C 213 -14.74 -7.26 39.31
CA SER C 213 -13.48 -8.06 39.10
C SER C 213 -13.67 -9.57 39.13
N GLN C 214 -12.83 -10.31 38.37
CA GLN C 214 -12.89 -11.78 38.23
C GLN C 214 -11.68 -12.38 37.47
N PRO C 215 -11.25 -13.61 37.82
CA PRO C 215 -10.10 -14.20 37.10
C PRO C 215 -10.46 -14.84 35.74
N THR C 216 -9.47 -15.41 35.05
CA THR C 216 -9.70 -16.17 33.81
C THR C 216 -10.68 -17.30 34.06
N THR C 217 -11.52 -17.56 33.06
CA THR C 217 -12.54 -18.63 33.12
C THR C 217 -11.91 -19.91 33.62
N THR C 218 -12.71 -20.74 34.28
CA THR C 218 -12.21 -22.00 34.83
C THR C 218 -12.86 -23.19 34.16
N ASP C 219 -14.06 -22.99 33.63
CA ASP C 219 -14.77 -24.04 32.88
C ASP C 219 -14.64 -23.86 31.36
N PHE C 220 -14.24 -22.66 30.93
CA PHE C 220 -14.05 -22.35 29.50
C PHE C 220 -15.31 -22.61 28.68
N ALA C 221 -16.48 -22.42 29.30
CA ALA C 221 -17.77 -22.74 28.69
C ALA C 221 -18.19 -21.74 27.60
N GLU C 222 -17.53 -20.59 27.59
CA GLU C 222 -17.73 -19.54 26.56
C GLU C 222 -16.85 -19.79 25.33
N PHE C 223 -15.94 -20.74 25.44
CA PHE C 223 -15.04 -21.08 24.35
C PHE C 223 -15.80 -21.97 23.36
N THR C 224 -16.85 -21.38 22.80
CA THR C 224 -17.70 -22.06 21.84
C THR C 224 -17.38 -21.55 20.45
N LEU C 225 -17.63 -22.37 19.44
CA LEU C 225 -17.45 -21.97 18.04
C LEU C 225 -18.34 -20.78 17.70
N SER C 226 -19.55 -20.79 18.23
CA SER C 226 -20.47 -19.67 18.03
C SER C 226 -19.84 -18.34 18.47
N ASN C 227 -19.26 -18.34 19.68
CA ASN C 227 -18.61 -17.14 20.20
C ASN C 227 -17.36 -16.80 19.40
N TYR C 228 -16.62 -17.83 18.97
CA TYR C 228 -15.42 -17.60 18.16
C TYR C 228 -15.78 -16.87 16.86
N LYS C 229 -16.81 -17.36 16.18
CA LYS C 229 -17.23 -16.82 14.90
C LYS C 229 -17.59 -15.34 14.98
N ARG C 230 -18.24 -14.95 16.09
CA ARG C 230 -18.56 -13.54 16.35
C ARG C 230 -17.31 -12.65 16.54
N ILE C 231 -16.39 -13.12 17.37
CA ILE C 231 -15.16 -12.37 17.64
C ILE C 231 -14.51 -12.04 16.30
N VAL C 232 -14.34 -13.08 15.51
CA VAL C 232 -13.50 -13.12 14.33
C VAL C 232 -14.11 -12.29 13.18
N LYS C 233 -15.43 -12.37 13.05
CA LYS C 233 -16.18 -11.57 12.07
C LYS C 233 -15.93 -10.08 12.25
N TYR C 234 -16.03 -9.63 13.51
CA TYR C 234 -15.96 -8.20 13.81
C TYR C 234 -14.52 -7.67 13.95
N LYS C 235 -13.64 -8.40 14.65
CA LYS C 235 -12.26 -7.93 14.82
C LYS C 235 -11.41 -8.00 13.54
N THR C 236 -11.74 -8.92 12.63
CA THR C 236 -10.87 -9.14 11.46
C THR C 236 -11.53 -9.03 10.07
N ALA C 237 -12.65 -9.74 9.86
CA ALA C 237 -13.24 -9.87 8.52
C ALA C 237 -13.65 -8.55 7.88
N TYR C 238 -14.24 -7.66 8.66
CA TYR C 238 -14.71 -6.40 8.09
C TYR C 238 -13.57 -5.55 7.52
N TYR C 239 -12.50 -5.36 8.30
CA TYR C 239 -11.45 -4.44 7.83
C TYR C 239 -10.46 -5.09 6.88
N THR C 240 -10.33 -6.40 6.96
CA THR C 240 -9.36 -7.13 6.15
C THR C 240 -9.90 -7.53 4.77
N TYR C 241 -11.19 -7.84 4.72
CA TYR C 241 -11.81 -8.35 3.49
C TYR C 241 -12.89 -7.44 2.92
N LEU C 242 -13.81 -7.01 3.77
CA LEU C 242 -14.89 -6.19 3.24
C LEU C 242 -14.45 -4.78 2.84
N LEU C 243 -13.70 -4.13 3.72
CA LEU C 243 -13.29 -2.74 3.51
C LEU C 243 -12.47 -2.53 2.22
N PRO C 244 -11.46 -3.38 1.97
CA PRO C 244 -10.71 -3.17 0.70
C PRO C 244 -11.61 -3.25 -0.53
N LEU C 245 -12.51 -4.23 -0.55
CA LEU C 245 -13.48 -4.41 -1.64
C LEU C 245 -14.33 -3.18 -1.83
N VAL C 246 -14.92 -2.69 -0.74
CA VAL C 246 -15.86 -1.56 -0.79
C VAL C 246 -15.20 -0.25 -1.24
N MET C 247 -14.02 0.03 -0.69
CA MET C 247 -13.31 1.24 -1.07
C MET C 247 -12.92 1.22 -2.55
N GLY C 248 -12.51 0.04 -3.02
CA GLY C 248 -12.22 -0.19 -4.44
C GLY C 248 -13.44 0.08 -5.32
N LEU C 249 -14.59 -0.42 -4.88
CA LEU C 249 -15.87 -0.18 -5.57
C LEU C 249 -16.23 1.30 -5.63
N ILE C 250 -15.95 1.99 -4.52
CA ILE C 250 -16.32 3.39 -4.37
C ILE C 250 -15.50 4.32 -5.27
N VAL C 251 -14.19 4.11 -5.33
CA VAL C 251 -13.35 5.02 -6.12
C VAL C 251 -13.47 4.79 -7.62
N SER C 252 -13.93 3.59 -7.97
CA SER C 252 -14.26 3.24 -9.35
C SER C 252 -15.72 3.53 -9.66
N GLU C 253 -16.44 4.03 -8.67
CA GLU C 253 -17.82 4.45 -8.81
C GLU C 253 -18.69 3.31 -9.32
N ALA C 254 -18.41 2.11 -8.80
CA ALA C 254 -19.06 0.89 -9.27
C ALA C 254 -19.84 0.15 -8.18
N LEU C 255 -19.94 0.72 -6.98
CA LEU C 255 -20.56 0.05 -5.83
C LEU C 255 -21.95 -0.55 -6.09
N PRO C 256 -22.89 0.25 -6.61
CA PRO C 256 -24.25 -0.26 -6.82
C PRO C 256 -24.36 -1.38 -7.84
N THR C 257 -23.28 -1.66 -8.56
CA THR C 257 -23.32 -2.66 -9.62
C THR C 257 -23.22 -4.09 -9.11
N VAL C 258 -22.80 -4.26 -7.86
CA VAL C 258 -22.54 -5.59 -7.32
C VAL C 258 -23.60 -5.98 -6.29
N ASP C 259 -23.83 -7.28 -6.17
CA ASP C 259 -24.69 -7.84 -5.13
C ASP C 259 -23.95 -7.75 -3.78
N MET C 260 -24.33 -6.77 -2.96
CA MET C 260 -23.64 -6.49 -1.70
C MET C 260 -23.84 -7.58 -0.66
N GLY C 261 -25.00 -8.25 -0.72
CA GLY C 261 -25.28 -9.40 0.14
C GLY C 261 -24.30 -10.55 -0.07
N VAL C 262 -24.11 -10.95 -1.33
CA VAL C 262 -23.17 -12.01 -1.67
C VAL C 262 -21.73 -11.57 -1.37
N THR C 263 -21.43 -10.31 -1.66
CA THR C 263 -20.11 -9.73 -1.40
C THR C 263 -19.76 -9.81 0.09
N GLU C 264 -20.70 -9.39 0.94
CA GLU C 264 -20.52 -9.48 2.39
C GLU C 264 -20.36 -10.91 2.88
N GLU C 265 -21.19 -11.83 2.36
CA GLU C 265 -21.03 -13.27 2.62
C GLU C 265 -19.62 -13.74 2.35
N LEU C 266 -19.11 -13.40 1.16
CA LEU C 266 -17.76 -13.74 0.77
C LEU C 266 -16.75 -13.17 1.75
N ALA C 267 -16.87 -11.87 2.03
CA ALA C 267 -15.94 -11.17 2.91
C ALA C 267 -15.85 -11.79 4.30
N MET C 268 -17.01 -12.15 4.85
CA MET C 268 -17.07 -12.74 6.20
C MET C 268 -16.46 -14.13 6.26
N LEU C 269 -16.76 -14.93 5.23
CA LEU C 269 -16.22 -16.27 5.10
C LEU C 269 -14.70 -16.28 4.97
N MET C 270 -14.16 -15.46 4.06
CA MET C 270 -12.71 -15.39 3.88
C MET C 270 -11.99 -14.80 5.11
N GLY C 271 -12.62 -13.81 5.74
CA GLY C 271 -12.08 -13.16 6.93
C GLY C 271 -12.06 -14.10 8.13
N GLU C 272 -13.11 -14.90 8.28
CA GLU C 272 -13.11 -15.93 9.32
C GLU C 272 -11.93 -16.88 9.14
N TYR C 273 -11.81 -17.44 7.93
CA TYR C 273 -10.73 -18.35 7.54
C TYR C 273 -9.34 -17.70 7.74
N PHE C 274 -9.21 -16.44 7.38
CA PHE C 274 -7.95 -15.69 7.58
C PHE C 274 -7.56 -15.66 9.05
N GLN C 275 -8.51 -15.40 9.94
CA GLN C 275 -8.25 -15.36 11.36
C GLN C 275 -7.97 -16.76 11.93
N VAL C 276 -8.68 -17.76 11.40
CA VAL C 276 -8.39 -19.14 11.75
C VAL C 276 -6.92 -19.48 11.42
N GLN C 277 -6.47 -19.09 10.22
CA GLN C 277 -5.05 -19.25 9.85
C GLN C 277 -4.14 -18.52 10.82
N ASP C 278 -4.49 -17.28 11.16
CA ASP C 278 -3.73 -16.51 12.15
C ASP C 278 -3.59 -17.25 13.48
N ASP C 279 -4.69 -17.84 13.93
CA ASP C 279 -4.71 -18.56 15.21
C ASP C 279 -3.83 -19.81 15.15
N VAL C 280 -3.94 -20.55 14.05
CA VAL C 280 -3.14 -21.77 13.86
C VAL C 280 -1.65 -21.43 13.84
N MET C 281 -1.30 -20.44 13.03
CA MET C 281 0.10 -19.99 12.91
C MET C 281 0.69 -19.50 14.22
N ASP C 282 -0.17 -18.95 15.09
CA ASP C 282 0.26 -18.44 16.39
C ASP C 282 0.95 -19.53 17.21
N CYS C 283 0.46 -20.75 17.07
CA CYS C 283 1.02 -21.88 17.80
C CYS C 283 2.01 -22.67 16.95
N PHE C 284 1.70 -22.86 15.68
CA PHE C 284 2.40 -23.85 14.87
C PHE C 284 3.44 -23.34 13.87
N THR C 285 3.42 -22.05 13.56
CA THR C 285 4.41 -21.48 12.61
C THR C 285 5.60 -20.90 13.38
N PRO C 286 6.83 -21.26 12.99
CA PRO C 286 8.03 -20.74 13.64
C PRO C 286 8.17 -19.21 13.47
N PRO C 287 8.64 -18.52 14.52
CA PRO C 287 8.86 -17.07 14.52
C PRO C 287 9.69 -16.52 13.36
N GLU C 288 10.68 -17.28 12.88
CA GLU C 288 11.50 -16.84 11.72
C GLU C 288 10.68 -16.71 10.44
N ARG C 289 9.62 -17.51 10.33
CA ARG C 289 8.75 -17.42 9.17
C ARG C 289 7.51 -16.56 9.46
N LEU C 290 7.04 -16.61 10.71
CA LEU C 290 5.84 -15.86 11.09
C LEU C 290 6.09 -14.36 11.28
N GLY C 291 7.25 -14.03 11.85
CA GLY C 291 7.59 -12.64 12.11
C GLY C 291 7.21 -12.19 13.51
N LYS C 292 6.41 -13.00 14.19
CA LYS C 292 5.94 -12.66 15.53
C LYS C 292 5.97 -13.87 16.48
N VAL C 293 6.18 -13.60 17.77
CA VAL C 293 6.11 -14.63 18.82
C VAL C 293 4.65 -14.78 19.25
N GLY C 294 4.13 -16.01 19.25
CA GLY C 294 2.73 -16.25 19.62
C GLY C 294 2.45 -15.98 21.09
N THR C 295 1.26 -15.42 21.38
CA THR C 295 0.85 -15.11 22.76
C THR C 295 -0.56 -15.59 23.11
N ASP C 296 -1.26 -16.24 22.17
CA ASP C 296 -2.65 -16.62 22.41
C ASP C 296 -2.80 -17.53 23.66
N ILE C 297 -1.91 -18.49 23.79
CA ILE C 297 -1.94 -19.43 24.92
C ILE C 297 -1.80 -18.68 26.24
N GLN C 298 -0.73 -17.90 26.36
CA GLN C 298 -0.46 -17.11 27.57
C GLN C 298 -1.58 -16.15 27.92
N ASP C 299 -2.22 -15.57 26.91
CA ASP C 299 -3.27 -14.57 27.10
C ASP C 299 -4.64 -15.19 27.30
N ALA C 300 -4.72 -16.51 27.16
CA ALA C 300 -5.95 -17.29 27.33
C ALA C 300 -7.01 -16.90 26.31
N LYS C 301 -6.55 -16.63 25.09
CA LYS C 301 -7.45 -16.19 24.04
C LYS C 301 -8.42 -17.29 23.64
N CYS C 302 -9.61 -16.87 23.22
CA CYS C 302 -10.56 -17.79 22.60
C CYS C 302 -10.18 -17.98 21.13
N SER C 303 -9.09 -18.70 20.90
CA SER C 303 -8.59 -18.98 19.55
C SER C 303 -9.34 -20.13 18.92
N TRP C 304 -9.14 -20.29 17.60
CA TRP C 304 -9.71 -21.44 16.90
C TRP C 304 -9.16 -22.73 17.48
N LEU C 305 -7.87 -22.73 17.84
CA LEU C 305 -7.23 -23.93 18.37
C LEU C 305 -7.89 -24.37 19.67
N ALA C 306 -8.11 -23.40 20.55
CA ALA C 306 -8.73 -23.64 21.87
C ALA C 306 -10.13 -24.17 21.73
N VAL C 307 -10.97 -23.48 20.94
CA VAL C 307 -12.38 -23.85 20.79
C VAL C 307 -12.55 -25.21 20.13
N THR C 308 -11.70 -25.51 19.15
CA THR C 308 -11.75 -26.76 18.39
C THR C 308 -11.22 -27.91 19.26
N PHE C 309 -10.14 -27.64 19.98
CA PHE C 309 -9.58 -28.60 20.93
C PHE C 309 -10.59 -29.00 22.00
N LEU C 310 -11.21 -28.00 22.65
CA LEU C 310 -12.18 -28.25 23.72
C LEU C 310 -13.45 -29.00 23.27
N ALA C 311 -13.84 -28.81 22.01
CA ALA C 311 -15.00 -29.49 21.46
C ALA C 311 -14.74 -30.98 21.15
N LYS C 312 -13.48 -31.35 20.97
CA LYS C 312 -13.14 -32.69 20.54
C LYS C 312 -12.34 -33.50 21.57
N ALA C 313 -11.63 -32.82 22.48
CA ALA C 313 -10.60 -33.48 23.26
C ALA C 313 -11.21 -34.40 24.33
N SER C 314 -10.43 -35.39 24.75
CA SER C 314 -10.84 -36.30 25.83
C SER C 314 -10.80 -35.61 27.20
N SER C 315 -11.48 -36.21 28.17
CA SER C 315 -11.60 -35.64 29.50
C SER C 315 -10.27 -35.27 30.13
N ALA C 316 -9.28 -36.16 30.04
CA ALA C 316 -7.97 -35.92 30.66
C ALA C 316 -7.21 -34.78 29.97
N GLN C 317 -7.33 -34.72 28.64
CA GLN C 317 -6.76 -33.66 27.83
C GLN C 317 -7.36 -32.30 28.18
N VAL C 318 -8.68 -32.26 28.31
CA VAL C 318 -9.38 -31.04 28.69
C VAL C 318 -8.93 -30.54 30.07
N ALA C 319 -8.85 -31.47 31.03
CA ALA C 319 -8.41 -31.14 32.38
C ALA C 319 -7.00 -30.57 32.42
N GLU C 320 -6.08 -31.17 31.67
CA GLU C 320 -4.69 -30.68 31.62
C GLU C 320 -4.59 -29.31 30.91
N PHE C 321 -5.43 -29.12 29.91
CA PHE C 321 -5.51 -27.84 29.20
C PHE C 321 -5.92 -26.74 30.18
N LYS C 322 -7.01 -26.99 30.92
CA LYS C 322 -7.54 -26.03 31.88
C LYS C 322 -6.53 -25.66 32.97
N ALA C 323 -5.67 -26.60 33.31
CA ALA C 323 -4.68 -26.40 34.36
C ALA C 323 -3.46 -25.61 33.89
N ASN C 324 -3.25 -25.54 32.57
CA ASN C 324 -2.03 -24.98 32.00
C ASN C 324 -2.22 -23.75 31.11
N TYR C 325 -3.47 -23.49 30.73
CA TYR C 325 -3.76 -22.43 29.78
C TYR C 325 -3.75 -21.06 30.47
N GLY C 326 -3.35 -20.02 29.74
CA GLY C 326 -3.38 -18.65 30.27
C GLY C 326 -2.26 -18.32 31.22
N SER C 327 -1.12 -18.99 31.07
CA SER C 327 0.06 -18.74 31.89
C SER C 327 1.26 -18.46 31.02
N GLY C 328 2.12 -17.55 31.46
CA GLY C 328 3.36 -17.24 30.76
C GLY C 328 4.46 -18.26 30.99
N ASP C 329 4.20 -19.24 31.87
CA ASP C 329 5.16 -20.27 32.20
C ASP C 329 5.53 -21.13 31.01
N SER C 330 6.83 -21.17 30.70
CA SER C 330 7.36 -21.85 29.53
C SER C 330 6.84 -23.29 29.35
N GLU C 331 6.79 -24.03 30.45
CA GLU C 331 6.43 -25.45 30.39
C GLU C 331 4.92 -25.65 30.33
N LYS C 332 4.16 -24.73 30.95
CA LYS C 332 2.71 -24.74 30.84
C LYS C 332 2.27 -24.45 29.39
N VAL C 333 2.89 -23.46 28.76
CA VAL C 333 2.68 -23.18 27.34
C VAL C 333 3.06 -24.40 26.51
N ALA C 334 4.22 -24.99 26.79
CA ALA C 334 4.66 -26.21 26.10
C ALA C 334 3.65 -27.36 26.27
N THR C 335 3.11 -27.53 27.48
CA THR C 335 2.05 -28.52 27.72
C THR C 335 0.86 -28.31 26.77
N VAL C 336 0.39 -27.06 26.67
CA VAL C 336 -0.75 -26.71 25.81
C VAL C 336 -0.45 -26.98 24.34
N ARG C 337 0.76 -26.57 23.91
CA ARG C 337 1.23 -26.83 22.55
C ARG C 337 1.22 -28.35 22.28
N ARG C 338 1.66 -29.12 23.25
CA ARG C 338 1.70 -30.58 23.16
C ARG C 338 0.28 -31.16 23.00
N LEU C 339 -0.66 -30.65 23.79
CA LEU C 339 -2.06 -31.09 23.74
C LEU C 339 -2.70 -30.80 22.40
N TYR C 340 -2.47 -29.60 21.86
CA TYR C 340 -2.93 -29.25 20.52
C TYR C 340 -2.37 -30.21 19.48
N GLU C 341 -1.08 -30.53 19.62
CA GLU C 341 -0.41 -31.49 18.75
C GLU C 341 -1.04 -32.90 18.85
N GLU C 342 -1.25 -33.36 20.08
CA GLU C 342 -1.89 -34.65 20.35
C GLU C 342 -3.31 -34.76 19.78
N ALA C 343 -4.03 -33.64 19.77
CA ALA C 343 -5.43 -33.61 19.32
C ALA C 343 -5.56 -33.54 17.80
N ASP C 344 -4.42 -33.57 17.11
CA ASP C 344 -4.37 -33.41 15.66
C ASP C 344 -5.25 -32.25 15.18
N LEU C 345 -4.97 -31.07 15.70
CA LEU C 345 -5.72 -29.89 15.29
C LEU C 345 -5.34 -29.44 13.89
N GLN C 346 -4.08 -29.63 13.50
CA GLN C 346 -3.68 -29.36 12.11
C GLN C 346 -4.53 -30.14 11.13
N GLY C 347 -4.85 -31.37 11.51
CA GLY C 347 -5.76 -32.20 10.74
C GLY C 347 -7.09 -31.53 10.52
N ASP C 348 -7.75 -31.17 11.62
CA ASP C 348 -9.04 -30.47 11.58
C ASP C 348 -9.01 -29.20 10.75
N TYR C 349 -7.88 -28.50 10.78
CA TYR C 349 -7.71 -27.29 10.00
C TYR C 349 -7.82 -27.55 8.51
N VAL C 350 -7.08 -28.55 8.02
CA VAL C 350 -7.08 -28.92 6.61
C VAL C 350 -8.51 -29.24 6.14
N ALA C 351 -9.28 -29.87 7.03
CA ALA C 351 -10.69 -30.19 6.75
C ALA C 351 -11.56 -28.94 6.79
N TYR C 352 -11.31 -28.04 7.74
CA TYR C 352 -12.02 -26.77 7.78
C TYR C 352 -11.68 -26.00 6.49
N GLU C 353 -10.41 -26.01 6.12
CA GLU C 353 -9.93 -25.29 4.93
C GLU C 353 -10.64 -25.75 3.65
N ALA C 354 -10.78 -27.06 3.47
CA ALA C 354 -11.44 -27.61 2.29
C ALA C 354 -12.91 -27.20 2.22
N ALA C 355 -13.60 -27.21 3.35
CA ALA C 355 -15.00 -26.79 3.40
C ALA C 355 -15.17 -25.30 3.07
N VAL C 356 -14.26 -24.46 3.58
CA VAL C 356 -14.30 -23.03 3.28
C VAL C 356 -14.12 -22.79 1.78
N ALA C 357 -13.08 -23.41 1.21
CA ALA C 357 -12.77 -23.31 -0.22
C ALA C 357 -13.96 -23.68 -1.11
N GLU C 358 -14.68 -24.72 -0.73
CA GLU C 358 -15.90 -25.12 -1.43
C GLU C 358 -16.93 -23.99 -1.46
N GLN C 359 -17.24 -23.41 -0.30
CA GLN C 359 -18.24 -22.33 -0.19
C GLN C 359 -17.80 -21.04 -0.89
N VAL C 360 -16.50 -20.74 -0.83
CA VAL C 360 -15.91 -19.58 -1.53
C VAL C 360 -16.17 -19.68 -3.04
N LYS C 361 -15.86 -20.84 -3.62
CA LYS C 361 -16.05 -21.08 -5.05
C LYS C 361 -17.50 -20.83 -5.47
N GLU C 362 -18.43 -21.33 -4.67
CA GLU C 362 -19.86 -21.15 -4.96
C GLU C 362 -20.27 -19.69 -4.98
N LEU C 363 -19.83 -18.95 -3.97
CA LEU C 363 -20.20 -17.55 -3.85
C LEU C 363 -19.53 -16.69 -4.91
N ILE C 364 -18.29 -17.02 -5.28
CA ILE C 364 -17.60 -16.32 -6.36
C ILE C 364 -18.35 -16.52 -7.68
N GLU C 365 -18.74 -17.77 -7.96
CA GLU C 365 -19.56 -18.06 -9.13
C GLU C 365 -20.90 -17.33 -9.12
N LYS C 366 -21.52 -17.21 -7.95
CA LYS C 366 -22.75 -16.40 -7.80
C LYS C 366 -22.50 -14.94 -8.18
N LEU C 367 -21.39 -14.39 -7.73
CA LEU C 367 -21.05 -13.00 -8.01
C LEU C 367 -20.72 -12.80 -9.49
N ARG C 368 -20.09 -13.79 -10.10
CA ARG C 368 -19.65 -13.72 -11.50
C ARG C 368 -20.82 -13.60 -12.47
N LEU C 369 -21.98 -14.11 -12.06
CA LEU C 369 -23.19 -14.03 -12.86
C LEU C 369 -23.50 -12.60 -13.30
N CYS C 370 -23.39 -11.64 -12.38
CA CYS C 370 -23.71 -10.24 -12.68
C CYS C 370 -22.50 -9.31 -12.69
N SER C 371 -21.42 -9.73 -12.03
CA SER C 371 -20.23 -8.90 -11.87
C SER C 371 -18.99 -9.74 -12.14
N PRO C 372 -18.75 -10.11 -13.42
CA PRO C 372 -17.60 -10.97 -13.71
C PRO C 372 -16.26 -10.33 -13.36
N GLY C 373 -16.14 -9.03 -13.63
CA GLY C 373 -14.90 -8.28 -13.32
C GLY C 373 -14.60 -8.25 -11.84
N PHE C 374 -15.60 -7.90 -11.05
CA PHE C 374 -15.48 -7.90 -9.59
C PHE C 374 -15.17 -9.29 -9.05
N ALA C 375 -15.82 -10.32 -9.59
CA ALA C 375 -15.58 -11.70 -9.18
C ALA C 375 -14.14 -12.14 -9.42
N ALA C 376 -13.55 -11.66 -10.51
CA ALA C 376 -12.15 -11.94 -10.83
C ALA C 376 -11.25 -11.36 -9.75
N SER C 377 -11.54 -10.14 -9.31
CA SER C 377 -10.73 -9.51 -8.24
C SER C 377 -10.92 -10.20 -6.88
N VAL C 378 -12.14 -10.66 -6.61
CA VAL C 378 -12.40 -11.45 -5.39
C VAL C 378 -11.61 -12.76 -5.41
N GLU C 379 -11.59 -13.42 -6.58
CA GLU C 379 -10.79 -14.62 -6.76
C GLU C 379 -9.30 -14.40 -6.45
N THR C 380 -8.76 -13.28 -6.92
CA THR C 380 -7.36 -12.95 -6.62
C THR C 380 -7.15 -12.75 -5.11
N LEU C 381 -8.08 -12.07 -4.47
CA LEU C 381 -7.98 -11.85 -3.02
C LEU C 381 -8.00 -13.20 -2.33
N TRP C 382 -8.89 -14.08 -2.78
CA TRP C 382 -8.94 -15.45 -2.28
C TRP C 382 -7.61 -16.20 -2.49
N GLY C 383 -6.99 -16.02 -3.66
CA GLY C 383 -5.69 -16.62 -3.96
C GLY C 383 -4.57 -16.16 -3.05
N LYS C 384 -4.63 -14.92 -2.60
CA LYS C 384 -3.67 -14.38 -1.63
C LYS C 384 -3.89 -14.91 -0.21
N THR C 385 -5.02 -15.58 0.02
CA THR C 385 -5.44 -16.01 1.36
C THR C 385 -5.31 -17.53 1.55
N TYR C 386 -5.88 -18.27 0.60
CA TYR C 386 -5.92 -19.73 0.64
C TYR C 386 -4.52 -20.34 0.72
N LYS C 387 -4.29 -21.18 1.73
CA LYS C 387 -3.01 -21.85 1.94
C LYS C 387 -1.81 -20.90 2.06
N ARG C 388 -2.05 -19.68 2.54
CA ARG C 388 -0.97 -18.73 2.77
C ARG C 388 -0.07 -19.28 3.88
N GLN C 389 1.22 -19.04 3.77
CA GLN C 389 2.17 -19.52 4.78
C GLN C 389 2.65 -18.36 5.64
N LYS C 390 2.30 -17.15 5.17
CA LYS C 390 2.65 -15.84 5.76
C LYS C 390 3.91 -15.71 6.57
#